data_3SRC
#
_entry.id   3SRC
#
_cell.length_a   120.565
_cell.length_b   165.828
_cell.length_c   93.951
_cell.angle_alpha   90.00
_cell.angle_beta   90.00
_cell.angle_gamma   90.00
#
_symmetry.space_group_name_H-M   'C 2 2 21'
#
loop_
_entity.id
_entity.type
_entity.pdbx_description
1 polymer 'Acyl-homoserine lactone acylase pvdQ'
2 polymer 'Acyl-homoserine lactone acylase pvdQ'
3 non-polymer 1,2-ETHANEDIOL
4 non-polymer 8-bromo-4H-[1,2,4]oxadiazolo[3,4-c][1,4]benzoxazin-1-one
5 water water
#
loop_
_entity_poly.entity_id
_entity_poly.type
_entity_poly.pdbx_seq_one_letter_code
_entity_poly.pdbx_strand_id
1 'polypeptide(L)'
;TGLAADIRWTAYGVPHIRAKDERGLGYGIGYAYARDNACLLAEEIVTARGERARYFGSEGKSSAELDNLPSDIFYAWLNQ
PEALQAFWQAQTPAVRQLLEGYAAGFNRFLREADGKTTSCLGQPWLRAIATDDLLRLTRRLLVEGGVGQFADALVAAAPP
GAEK
;
A
2 'polypeptide(L)'
;SNAIAVGSERSADGKGMLLANPHFPWNGAMRFYQMHLTIPGRLDVMGASLPGLPVVNIGFSRHLAWTHTVDTSSHFTLYR
LALDPKDPRRYLVDGRSLPLEEKSVAIEVRGADGKLSRVEHKVYQSIYGPLVVWPGKLDWNRSEAYALRDANLENTRVLQ
QWYSINQASDVADLRRRVEALQGIPWVNTLAADEQGNALYMNQSVVPYLKPELIPACAIPQLVAEGLPALQGQDSRCAWS
RDPAAAQAGITPAAQLPVLLRRDFVQNSNDSAWLTNPASPLQGFSPLVSQEKPIGPRARYALSRLQGKQPLEAKTLEEMV
TANHVFSADQVLPDLLRLCRDNQGEKSLARACAALAQWDRGANLDSGSGFVYFQRFMQRFAELDGAWKEPFDAQRPLDTP
QGIALDRPQVATQVRQALADAAAEVEKSGIPDGARWGDLQVSTRGQERIAIPGGDGHFGVYNAIQSVRKGDHLEVVGGTS
YIQLVTFPEEGPKARGLLAFSQSSDPRSPHYRDQTELFSRQQWQTLPFSDRQIDADPQLQRLSIRE
;
B
#
loop_
_chem_comp.id
_chem_comp.type
_chem_comp.name
_chem_comp.formula
28N non-polymer 8-bromo-4H-[1,2,4]oxadiazolo[3,4-c][1,4]benzoxazin-1-one 'C9 H5 Br N2 O3'
EDO non-polymer 1,2-ETHANEDIOL 'C2 H6 O2'
#
# COMPACT_ATOMS: atom_id res chain seq x y z
N THR A 1 -33.64 -9.61 -4.22
CA THR A 1 -34.62 -9.87 -3.11
C THR A 1 -34.01 -10.74 -1.98
N GLY A 2 -34.61 -10.67 -0.79
CA GLY A 2 -34.01 -11.27 0.39
C GLY A 2 -32.78 -10.48 0.80
N LEU A 3 -32.84 -9.16 0.57
CA LEU A 3 -31.77 -8.24 0.87
C LEU A 3 -32.26 -7.25 1.91
N ALA A 4 -31.62 -7.26 3.08
CA ALA A 4 -32.02 -6.37 4.15
C ALA A 4 -30.83 -6.09 5.05
N ALA A 5 -30.74 -4.87 5.55
CA ALA A 5 -29.65 -4.47 6.40
C ALA A 5 -30.08 -3.39 7.39
N ASP A 6 -29.52 -3.45 8.59
CA ASP A 6 -29.65 -2.37 9.55
C ASP A 6 -28.33 -1.64 9.59
N ILE A 7 -28.36 -0.33 9.36
CA ILE A 7 -27.14 0.49 9.37
C ILE A 7 -27.21 1.55 10.47
N ARG A 8 -26.23 1.51 11.36
CA ARG A 8 -26.05 2.64 12.27
C ARG A 8 -24.78 3.40 11.85
N TRP A 9 -24.85 4.74 11.85
CA TRP A 9 -23.66 5.59 11.64
C TRP A 9 -23.30 6.27 12.96
N THR A 10 -22.03 6.21 13.34
CA THR A 10 -21.56 6.96 14.49
C THR A 10 -20.84 8.21 13.99
N ALA A 11 -20.17 8.93 14.89
CA ALA A 11 -19.51 10.18 14.54
C ALA A 11 -18.58 9.98 13.34
N TYR A 12 -18.50 10.99 12.48
CA TYR A 12 -17.62 11.00 11.30
C TYR A 12 -18.09 10.08 10.16
N GLY A 13 -19.34 9.63 10.25
CA GLY A 13 -19.98 8.86 9.19
C GLY A 13 -19.46 7.44 9.03
N VAL A 14 -19.04 6.85 10.16
CA VAL A 14 -18.62 5.45 10.22
C VAL A 14 -19.84 4.53 10.30
N PRO A 15 -20.09 3.71 9.27
CA PRO A 15 -21.26 2.83 9.33
C PRO A 15 -21.02 1.53 10.12
N HIS A 16 -22.10 1.02 10.69
CA HIS A 16 -22.10 -0.23 11.43
C HIS A 16 -23.25 -1.02 10.85
N ILE A 17 -22.90 -2.04 10.09
CA ILE A 17 -23.87 -2.81 9.30
C ILE A 17 -24.19 -4.11 10.03
N ARG A 18 -25.47 -4.31 10.33
CA ARG A 18 -25.97 -5.59 10.88
C ARG A 18 -26.90 -6.25 9.87
N ALA A 19 -26.68 -7.54 9.62
CA ALA A 19 -27.54 -8.31 8.72
C ALA A 19 -27.58 -9.77 9.15
N LYS A 20 -28.53 -10.53 8.62
CA LYS A 20 -28.68 -11.93 9.04
C LYS A 20 -27.86 -12.88 8.17
N ASP A 21 -27.34 -12.35 7.06
CA ASP A 21 -26.58 -13.15 6.09
C ASP A 21 -25.66 -12.27 5.25
N GLU A 22 -24.79 -12.91 4.45
CA GLU A 22 -23.81 -12.20 3.61
C GLU A 22 -24.47 -11.26 2.57
N ARG A 23 -25.58 -11.69 1.99
CA ARG A 23 -26.28 -10.90 0.98
C ARG A 23 -26.73 -9.56 1.59
N GLY A 24 -27.41 -9.64 2.74
CA GLY A 24 -27.82 -8.44 3.47
C GLY A 24 -26.66 -7.60 3.98
N LEU A 25 -25.58 -8.26 4.39
CA LEU A 25 -24.43 -7.54 4.90
C LEU A 25 -23.81 -6.73 3.75
N GLY A 26 -23.65 -7.37 2.59
CA GLY A 26 -23.13 -6.70 1.39
C GLY A 26 -24.03 -5.53 0.98
N TYR A 27 -25.34 -5.75 1.11
CA TYR A 27 -26.34 -4.72 0.76
C TYR A 27 -26.10 -3.47 1.59
N GLY A 28 -25.93 -3.64 2.89
CA GLY A 28 -25.61 -2.53 3.78
C GLY A 28 -24.29 -1.85 3.45
N ILE A 29 -23.24 -2.63 3.23
CA ILE A 29 -21.92 -2.07 2.85
C ILE A 29 -22.01 -1.21 1.60
N GLY A 30 -22.53 -1.77 0.52
CA GLY A 30 -22.57 -1.08 -0.77
C GLY A 30 -23.39 0.20 -0.69
N TYR A 31 -24.48 0.16 0.08
CA TYR A 31 -25.29 1.33 0.27
C TYR A 31 -24.56 2.43 1.04
N ALA A 32 -23.93 2.07 2.15
CA ALA A 32 -23.26 3.05 2.98
C ALA A 32 -22.05 3.64 2.22
N TYR A 33 -21.31 2.77 1.53
CA TYR A 33 -20.16 3.19 0.75
C TYR A 33 -20.54 4.17 -0.35
N ALA A 34 -21.62 3.87 -1.08
CA ALA A 34 -22.09 4.73 -2.16
C ALA A 34 -22.46 6.13 -1.65
N ARG A 35 -23.06 6.16 -0.47
CA ARG A 35 -23.45 7.44 0.13
C ARG A 35 -22.24 8.37 0.26
N ASP A 36 -21.08 7.82 0.64
CA ASP A 36 -19.85 8.58 0.83
C ASP A 36 -18.96 8.65 -0.43
N ASN A 37 -19.04 7.64 -1.28
CA ASN A 37 -18.02 7.48 -2.32
C ASN A 37 -18.48 6.95 -3.64
N ALA A 38 -19.75 7.21 -4.00
CA ALA A 38 -20.29 6.73 -5.27
C ALA A 38 -19.42 7.14 -6.46
N CYS A 39 -19.01 8.41 -6.51
CA CYS A 39 -18.27 8.90 -7.67
C CYS A 39 -16.89 8.23 -7.77
N LEU A 40 -16.19 8.10 -6.65
CA LEU A 40 -14.91 7.40 -6.62
C LEU A 40 -15.06 5.98 -7.17
N LEU A 41 -16.07 5.24 -6.73
CA LEU A 41 -16.19 3.84 -7.14
C LEU A 41 -16.51 3.76 -8.62
N ALA A 42 -17.41 4.63 -9.08
CA ALA A 42 -17.74 4.72 -10.49
C ALA A 42 -16.48 4.99 -11.34
N GLU A 43 -15.68 5.96 -10.94
N GLU A 43 -15.66 5.93 -10.91
CA GLU A 43 -14.43 6.25 -11.65
CA GLU A 43 -14.41 6.29 -11.58
C GLU A 43 -13.52 5.01 -11.69
C GLU A 43 -13.40 5.14 -11.64
N GLU A 44 -13.29 4.38 -10.54
CA GLU A 44 -12.36 3.24 -10.48
C GLU A 44 -12.87 2.03 -11.24
N ILE A 45 -14.19 1.91 -11.33
CA ILE A 45 -14.79 0.83 -12.10
C ILE A 45 -14.59 1.08 -13.58
N VAL A 46 -14.77 2.34 -14.04
CA VAL A 46 -14.47 2.73 -15.41
C VAL A 46 -13.00 2.36 -15.76
N THR A 47 -12.08 2.68 -14.85
CA THR A 47 -10.65 2.34 -15.04
C THR A 47 -10.53 0.82 -15.19
N ALA A 48 -11.08 0.07 -14.23
CA ALA A 48 -10.93 -1.39 -14.19
C ALA A 48 -11.69 -2.09 -15.31
N ARG A 49 -12.68 -1.39 -15.89
CA ARG A 49 -13.35 -1.86 -17.13
C ARG A 49 -12.57 -1.52 -18.43
N GLY A 50 -11.50 -0.75 -18.29
CA GLY A 50 -10.78 -0.24 -19.47
C GLY A 50 -11.63 0.67 -20.36
N GLU A 51 -12.36 1.59 -19.73
CA GLU A 51 -13.27 2.52 -20.43
C GLU A 51 -12.94 4.00 -20.23
N ARG A 52 -11.76 4.31 -19.69
CA ARG A 52 -11.39 5.70 -19.46
C ARG A 52 -11.40 6.52 -20.76
N ALA A 53 -10.81 5.96 -21.81
CA ALA A 53 -10.73 6.67 -23.09
C ALA A 53 -12.12 6.89 -23.68
N ARG A 54 -13.04 5.95 -23.43
CA ARG A 54 -14.41 6.08 -23.90
C ARG A 54 -15.12 7.30 -23.30
N TYR A 55 -14.95 7.52 -22.01
CA TYR A 55 -15.65 8.60 -21.32
C TYR A 55 -14.88 9.93 -21.29
N PHE A 56 -13.55 9.84 -21.24
CA PHE A 56 -12.71 11.01 -20.98
C PHE A 56 -11.66 11.30 -22.05
N GLY A 57 -11.58 10.46 -23.08
CA GLY A 57 -10.61 10.68 -24.16
C GLY A 57 -9.18 10.30 -23.79
N SER A 58 -8.29 10.41 -24.77
CA SER A 58 -6.92 9.92 -24.61
C SER A 58 -6.00 10.84 -23.81
N GLU A 59 -6.34 12.11 -23.66
CA GLU A 59 -5.55 13.00 -22.79
C GLU A 59 -5.96 12.69 -21.34
N GLY A 60 -5.16 13.02 -20.35
CA GLY A 60 -5.62 12.66 -19.00
C GLY A 60 -5.45 11.19 -18.61
N LYS A 61 -5.61 10.94 -17.31
CA LYS A 61 -5.05 9.77 -16.67
C LYS A 61 -6.03 9.18 -15.69
N SER A 62 -5.73 7.95 -15.27
CA SER A 62 -6.41 7.30 -14.18
C SER A 62 -5.89 7.88 -12.86
N SER A 63 -6.53 7.52 -11.76
CA SER A 63 -6.02 7.95 -10.45
C SER A 63 -4.72 7.26 -10.05
N ALA A 64 -4.31 6.23 -10.78
CA ALA A 64 -2.97 5.66 -10.59
C ALA A 64 -1.93 6.35 -11.49
N GLU A 65 -2.34 7.42 -12.17
CA GLU A 65 -1.44 8.23 -13.02
C GLU A 65 -1.01 7.55 -14.32
N LEU A 66 -1.77 6.57 -14.79
CA LEU A 66 -1.52 6.00 -16.11
C LEU A 66 -2.33 6.74 -17.14
N ASP A 67 -1.76 7.00 -18.31
CA ASP A 67 -2.53 7.53 -19.44
C ASP A 67 -3.76 6.65 -19.67
N ASN A 68 -4.88 7.29 -20.01
CA ASN A 68 -6.15 6.59 -20.24
C ASN A 68 -6.11 5.41 -21.20
N LEU A 69 -5.57 5.59 -22.41
CA LEU A 69 -5.58 4.50 -23.38
C LEU A 69 -4.67 3.30 -22.97
N PRO A 70 -3.40 3.56 -22.61
CA PRO A 70 -2.61 2.44 -22.06
C PRO A 70 -3.26 1.77 -20.85
N SER A 71 -3.84 2.57 -19.93
CA SER A 71 -4.53 2.01 -18.77
C SER A 71 -5.69 1.10 -19.23
N ASP A 72 -6.48 1.57 -20.19
CA ASP A 72 -7.55 0.76 -20.75
C ASP A 72 -7.09 -0.54 -21.39
N ILE A 73 -6.03 -0.48 -22.19
CA ILE A 73 -5.50 -1.68 -22.83
C ILE A 73 -5.11 -2.69 -21.77
N PHE A 74 -4.45 -2.22 -20.71
CA PHE A 74 -4.04 -3.09 -19.63
C PHE A 74 -5.22 -3.75 -18.93
N TYR A 75 -6.24 -2.96 -18.61
CA TYR A 75 -7.41 -3.53 -17.92
C TYR A 75 -8.32 -4.36 -18.78
N ALA A 76 -8.46 -4.01 -20.06
CA ALA A 76 -9.15 -4.89 -21.00
C ALA A 76 -8.44 -6.24 -21.06
N TRP A 77 -7.11 -6.23 -21.15
CA TRP A 77 -6.33 -7.46 -21.13
C TRP A 77 -6.52 -8.22 -19.81
N LEU A 78 -6.46 -7.50 -18.70
CA LEU A 78 -6.51 -8.14 -17.38
C LEU A 78 -7.88 -8.74 -17.11
N ASN A 79 -8.91 -7.96 -17.44
CA ASN A 79 -10.30 -8.28 -17.08
C ASN A 79 -11.15 -8.77 -18.26
N GLN A 80 -10.55 -9.67 -19.04
CA GLN A 80 -11.22 -10.35 -20.14
C GLN A 80 -12.37 -11.20 -19.61
N PRO A 81 -13.44 -11.36 -20.40
CA PRO A 81 -14.62 -12.11 -19.89
C PRO A 81 -14.26 -13.50 -19.34
N GLU A 82 -13.31 -14.20 -19.96
CA GLU A 82 -12.95 -15.55 -19.49
C GLU A 82 -12.25 -15.51 -18.14
N ALA A 83 -11.44 -14.48 -17.91
CA ALA A 83 -10.75 -14.33 -16.62
C ALA A 83 -11.76 -14.04 -15.48
N LEU A 84 -12.72 -13.15 -15.73
CA LEU A 84 -13.75 -12.84 -14.75
C LEU A 84 -14.65 -14.05 -14.44
N GLN A 85 -15.00 -14.79 -15.48
CA GLN A 85 -15.90 -15.95 -15.30
C GLN A 85 -15.22 -17.03 -14.46
N ALA A 86 -13.95 -17.33 -14.78
CA ALA A 86 -13.19 -18.30 -13.99
C ALA A 86 -13.05 -17.86 -12.55
N PHE A 87 -12.78 -16.57 -12.34
CA PHE A 87 -12.64 -16.02 -11.00
C PHE A 87 -13.96 -16.18 -10.22
N TRP A 88 -15.06 -15.79 -10.86
CA TRP A 88 -16.40 -15.95 -10.28
C TRP A 88 -16.71 -17.42 -9.96
N GLN A 89 -16.41 -18.32 -10.88
CA GLN A 89 -16.73 -19.74 -10.70
C GLN A 89 -15.97 -20.33 -9.50
N ALA A 90 -14.85 -19.72 -9.16
CA ALA A 90 -14.02 -20.17 -8.05
C ALA A 90 -14.41 -19.58 -6.69
N GLN A 91 -15.39 -18.67 -6.68
CA GLN A 91 -15.80 -18.02 -5.44
C GLN A 91 -16.75 -18.90 -4.63
N THR A 92 -16.55 -18.93 -3.32
CA THR A 92 -17.48 -19.59 -2.41
C THR A 92 -18.86 -18.91 -2.43
N PRO A 93 -19.91 -19.67 -2.07
CA PRO A 93 -21.25 -19.12 -1.91
C PRO A 93 -21.29 -17.84 -1.05
N ALA A 94 -20.56 -17.82 0.07
CA ALA A 94 -20.57 -16.65 0.97
C ALA A 94 -20.02 -15.39 0.29
N VAL A 95 -18.96 -15.56 -0.49
CA VAL A 95 -18.35 -14.44 -1.19
C VAL A 95 -19.25 -13.98 -2.33
N ARG A 96 -19.81 -14.90 -3.10
CA ARG A 96 -20.77 -14.54 -4.14
C ARG A 96 -21.91 -13.68 -3.58
N GLN A 97 -22.40 -14.06 -2.41
CA GLN A 97 -23.48 -13.36 -1.74
C GLN A 97 -23.06 -11.99 -1.27
N LEU A 98 -21.86 -11.87 -0.70
CA LEU A 98 -21.32 -10.56 -0.27
C LEU A 98 -21.30 -9.58 -1.43
N LEU A 99 -20.82 -10.05 -2.58
CA LEU A 99 -20.68 -9.24 -3.78
C LEU A 99 -22.03 -8.90 -4.39
N GLU A 100 -22.92 -9.90 -4.44
CA GLU A 100 -24.28 -9.66 -4.93
C GLU A 100 -25.01 -8.59 -4.13
N GLY A 101 -24.90 -8.63 -2.81
CA GLY A 101 -25.51 -7.62 -1.95
C GLY A 101 -24.86 -6.24 -2.12
N TYR A 102 -23.53 -6.21 -2.13
CA TYR A 102 -22.80 -4.96 -2.35
C TYR A 102 -23.31 -4.22 -3.59
N ALA A 103 -23.34 -4.92 -4.72
CA ALA A 103 -23.80 -4.32 -5.97
C ALA A 103 -25.22 -3.79 -5.85
N ALA A 104 -26.11 -4.60 -5.27
CA ALA A 104 -27.51 -4.20 -5.10
C ALA A 104 -27.66 -2.99 -4.19
N GLY A 105 -26.87 -2.93 -3.12
CA GLY A 105 -26.88 -1.81 -2.19
C GLY A 105 -26.36 -0.51 -2.79
N PHE A 106 -25.26 -0.63 -3.53
CA PHE A 106 -24.67 0.52 -4.21
C PHE A 106 -25.70 1.08 -5.20
N ASN A 107 -26.28 0.19 -5.98
CA ASN A 107 -27.29 0.56 -6.99
C ASN A 107 -28.55 1.17 -6.40
N ARG A 108 -28.94 0.70 -5.22
CA ARG A 108 -30.08 1.29 -4.51
C ARG A 108 -29.79 2.76 -4.21
N PHE A 109 -28.64 3.05 -3.61
CA PHE A 109 -28.26 4.45 -3.37
C PHE A 109 -28.29 5.28 -4.64
N LEU A 110 -27.76 4.73 -5.74
CA LEU A 110 -27.75 5.42 -7.01
C LEU A 110 -29.16 5.77 -7.49
N ARG A 111 -30.11 4.84 -7.30
CA ARG A 111 -31.49 5.07 -7.70
C ARG A 111 -32.08 6.26 -6.95
N GLU A 112 -31.69 6.42 -5.68
CA GLU A 112 -32.30 7.43 -4.83
C GLU A 112 -31.56 8.76 -4.76
N ALA A 113 -30.30 8.79 -5.20
CA ALA A 113 -29.40 9.92 -4.98
C ALA A 113 -29.96 11.22 -5.56
N ASP A 114 -29.95 12.28 -4.76
CA ASP A 114 -30.41 13.59 -5.25
C ASP A 114 -29.30 14.64 -5.34
N GLY A 115 -28.06 14.21 -5.09
CA GLY A 115 -26.90 15.10 -5.17
C GLY A 115 -26.43 15.58 -3.81
N LYS A 116 -27.19 15.25 -2.76
CA LYS A 116 -26.83 15.70 -1.42
C LYS A 116 -25.37 15.38 -1.07
N THR A 117 -24.90 14.18 -1.44
CA THR A 117 -23.52 13.77 -1.15
C THR A 117 -22.80 13.18 -2.35
N THR A 118 -23.28 13.52 -3.55
CA THR A 118 -22.79 12.95 -4.79
C THR A 118 -22.59 14.04 -5.85
N SER A 119 -21.33 14.38 -6.14
CA SER A 119 -20.98 15.51 -7.02
C SER A 119 -21.08 15.18 -8.50
N CYS A 120 -21.14 13.90 -8.83
CA CYS A 120 -21.08 13.50 -10.24
C CYS A 120 -22.44 13.09 -10.76
N LEU A 121 -23.47 13.43 -9.99
CA LEU A 121 -24.85 13.13 -10.35
C LEU A 121 -25.09 13.61 -11.77
N GLY A 122 -25.67 12.75 -12.59
CA GLY A 122 -25.94 13.07 -13.99
C GLY A 122 -24.85 12.69 -14.99
N GLN A 123 -23.63 12.41 -14.53
CA GLN A 123 -22.55 12.03 -15.47
C GLN A 123 -22.86 10.69 -16.12
N PRO A 124 -22.55 10.54 -17.42
CA PRO A 124 -22.90 9.26 -18.06
C PRO A 124 -22.16 8.05 -17.47
N TRP A 125 -21.05 8.27 -16.78
CA TRP A 125 -20.28 7.15 -16.22
C TRP A 125 -20.74 6.75 -14.83
N LEU A 126 -21.67 7.52 -14.24
CA LEU A 126 -22.21 7.14 -12.94
C LEU A 126 -23.40 6.21 -13.22
N ARG A 127 -23.12 4.90 -13.15
CA ARG A 127 -24.06 3.88 -13.60
C ARG A 127 -24.20 2.74 -12.62
N ALA A 128 -25.30 2.00 -12.75
CA ALA A 128 -25.52 0.81 -11.93
C ALA A 128 -24.34 -0.13 -12.14
N ILE A 129 -23.95 -0.83 -11.08
CA ILE A 129 -22.83 -1.77 -11.18
C ILE A 129 -23.28 -3.23 -11.10
N ALA A 130 -22.43 -4.13 -11.56
CA ALA A 130 -22.71 -5.57 -11.50
C ALA A 130 -21.63 -6.23 -10.65
N THR A 131 -21.87 -7.46 -10.19
CA THR A 131 -20.84 -8.23 -9.52
C THR A 131 -19.53 -8.31 -10.33
N ASP A 132 -19.62 -8.46 -11.66
CA ASP A 132 -18.38 -8.45 -12.50
C ASP A 132 -17.51 -7.20 -12.31
N ASP A 133 -18.16 -6.06 -12.08
CA ASP A 133 -17.41 -4.83 -11.87
C ASP A 133 -16.62 -4.92 -10.59
N LEU A 134 -17.21 -5.57 -9.59
CA LEU A 134 -16.52 -5.77 -8.32
C LEU A 134 -15.38 -6.76 -8.50
N LEU A 135 -15.55 -7.71 -9.42
CA LEU A 135 -14.43 -8.63 -9.72
C LEU A 135 -13.34 -7.89 -10.46
N ARG A 136 -13.72 -6.93 -11.30
CA ARG A 136 -12.75 -6.11 -12.02
C ARG A 136 -11.85 -5.35 -11.06
N LEU A 137 -12.47 -4.79 -10.01
CA LEU A 137 -11.74 -4.04 -8.99
C LEU A 137 -10.83 -4.91 -8.16
N THR A 138 -11.31 -6.09 -7.83
CA THR A 138 -10.57 -7.03 -7.02
C THR A 138 -9.29 -7.47 -7.74
N ARG A 139 -9.44 -7.87 -9.00
CA ARG A 139 -8.33 -8.32 -9.83
C ARG A 139 -7.31 -7.19 -10.11
N ARG A 140 -7.81 -5.98 -10.27
CA ARG A 140 -6.97 -4.79 -10.37
C ARG A 140 -6.07 -4.62 -9.13
N LEU A 141 -6.66 -4.83 -7.95
CA LEU A 141 -5.90 -4.80 -6.70
C LEU A 141 -4.99 -6.02 -6.54
N LEU A 142 -5.47 -7.18 -6.98
CA LEU A 142 -4.70 -8.43 -6.92
C LEU A 142 -3.30 -8.29 -7.53
N VAL A 143 -3.22 -7.61 -8.67
CA VAL A 143 -1.97 -7.50 -9.45
C VAL A 143 -1.11 -6.27 -9.13
N GLU A 144 -1.51 -5.52 -8.12
CA GLU A 144 -0.84 -4.29 -7.74
C GLU A 144 0.62 -4.53 -7.33
N GLY A 145 0.94 -5.73 -6.86
CA GLY A 145 2.32 -6.09 -6.54
C GLY A 145 3.01 -6.93 -7.62
N GLY A 146 2.39 -7.01 -8.79
CA GLY A 146 2.93 -7.82 -9.87
C GLY A 146 2.83 -7.12 -11.22
N VAL A 147 2.10 -7.74 -12.14
CA VAL A 147 1.96 -7.24 -13.50
C VAL A 147 1.35 -5.81 -13.55
N GLY A 148 0.53 -5.48 -12.55
CA GLY A 148 0.04 -4.09 -12.37
C GLY A 148 1.12 -3.02 -12.44
N GLN A 149 2.29 -3.28 -11.83
CA GLN A 149 3.42 -2.36 -11.85
CA GLN A 149 3.41 -2.33 -11.88
C GLN A 149 4.12 -2.30 -13.22
N PHE A 150 3.74 -3.21 -14.12
CA PHE A 150 4.31 -3.29 -15.45
C PHE A 150 3.26 -2.99 -16.53
N ALA A 151 2.18 -2.31 -16.13
CA ALA A 151 1.11 -2.00 -17.08
C ALA A 151 1.60 -1.26 -18.34
N ASP A 152 2.36 -0.18 -18.13
CA ASP A 152 2.96 0.59 -19.24
C ASP A 152 3.88 -0.30 -20.09
N ALA A 153 4.73 -1.08 -19.41
CA ALA A 153 5.65 -2.01 -20.08
C ALA A 153 4.95 -3.06 -20.94
N LEU A 154 3.82 -3.56 -20.46
CA LEU A 154 3.06 -4.55 -21.23
C LEU A 154 2.51 -3.89 -22.49
N VAL A 155 1.98 -2.68 -22.34
CA VAL A 155 1.40 -1.95 -23.46
C VAL A 155 2.47 -1.61 -24.52
N ALA A 156 3.69 -1.34 -24.07
CA ALA A 156 4.80 -0.94 -24.93
C ALA A 156 5.47 -2.12 -25.64
N ALA A 157 5.14 -3.34 -25.25
CA ALA A 157 5.87 -4.51 -25.74
C ALA A 157 5.47 -4.85 -27.18
N ALA A 158 6.36 -4.53 -28.10
CA ALA A 158 6.14 -4.74 -29.53
C ALA A 158 7.42 -5.32 -30.14
N PRO A 159 7.28 -6.21 -31.14
CA PRO A 159 8.44 -6.89 -31.71
C PRO A 159 9.34 -5.93 -32.53
N PRO A 160 10.63 -6.28 -32.68
CA PRO A 160 11.54 -5.39 -33.44
C PRO A 160 11.17 -5.31 -34.92
N GLY A 161 11.56 -4.22 -35.57
CA GLY A 161 11.43 -4.11 -37.02
C GLY A 161 12.74 -4.47 -37.68
N ALA A 162 13.16 -3.67 -38.66
CA ALA A 162 14.35 -3.96 -39.46
C ALA A 162 15.68 -3.41 -38.89
N GLU A 163 15.59 -2.56 -37.86
CA GLU A 163 16.72 -1.77 -37.31
C GLU A 163 18.09 -2.43 -37.12
N LYS A 164 19.12 -1.57 -37.17
CA LYS A 164 20.50 -1.89 -36.78
C LYS A 164 20.83 -1.22 -35.46
N SER B 1 4.20 1.67 5.18
CA SER B 1 3.32 1.27 6.32
C SER B 1 4.15 0.92 7.55
N ASN B 2 3.56 1.07 8.73
CA ASN B 2 4.14 0.61 10.00
C ASN B 2 3.14 -0.29 10.70
N ALA B 3 3.65 -1.25 11.46
CA ALA B 3 2.83 -2.06 12.34
C ALA B 3 3.65 -2.48 13.54
N ILE B 4 3.08 -2.36 14.74
CA ILE B 4 3.68 -2.91 15.96
C ILE B 4 2.63 -3.73 16.71
N ALA B 5 2.95 -5.00 16.99
CA ALA B 5 2.15 -5.83 17.87
C ALA B 5 2.93 -6.09 19.16
N VAL B 6 2.27 -5.88 20.30
CA VAL B 6 2.91 -6.02 21.61
C VAL B 6 2.23 -7.18 22.34
N GLY B 7 3.05 -8.03 22.97
CA GLY B 7 2.54 -9.17 23.71
C GLY B 7 2.52 -9.01 25.23
N SER B 8 2.13 -10.09 25.91
CA SER B 8 1.96 -10.10 27.38
C SER B 8 3.22 -9.74 28.16
N GLU B 9 4.38 -10.08 27.61
CA GLU B 9 5.65 -9.83 28.29
C GLU B 9 6.12 -8.37 28.25
N ARG B 10 5.48 -7.53 27.44
CA ARG B 10 5.90 -6.13 27.32
C ARG B 10 4.80 -5.07 27.50
N SER B 11 3.54 -5.45 27.32
CA SER B 11 2.44 -4.50 27.48
C SER B 11 2.22 -4.17 28.95
N ALA B 12 1.75 -2.96 29.22
CA ALA B 12 1.53 -2.49 30.58
C ALA B 12 0.40 -3.24 31.29
N ASP B 13 -0.47 -3.91 30.53
CA ASP B 13 -1.59 -4.64 31.13
C ASP B 13 -1.46 -6.16 31.04
N GLY B 14 -0.36 -6.63 30.45
CA GLY B 14 -0.14 -8.07 30.27
C GLY B 14 -1.00 -8.69 29.19
N LYS B 15 -1.65 -7.86 28.38
CA LYS B 15 -2.47 -8.36 27.28
C LYS B 15 -1.94 -7.87 25.93
N GLY B 16 -2.54 -8.29 24.83
CA GLY B 16 -2.10 -7.86 23.51
C GLY B 16 -2.39 -6.40 23.23
N MET B 17 -1.60 -5.84 22.34
CA MET B 17 -1.84 -4.48 21.87
C MET B 17 -1.33 -4.38 20.43
N LEU B 18 -2.05 -3.65 19.59
CA LEU B 18 -1.62 -3.46 18.21
C LEU B 18 -1.69 -2.00 17.76
N LEU B 19 -0.60 -1.50 17.20
CA LEU B 19 -0.63 -0.25 16.45
C LEU B 19 -0.68 -0.55 14.95
N ALA B 20 -1.70 -0.01 14.29
CA ALA B 20 -1.83 -0.13 12.84
C ALA B 20 -1.68 1.25 12.21
N ASN B 21 -0.62 1.40 11.41
CA ASN B 21 -0.36 2.66 10.72
C ASN B 21 0.03 2.40 9.25
N PRO B 22 -0.88 1.80 8.46
CA PRO B 22 -0.62 1.62 7.02
C PRO B 22 -0.42 2.94 6.28
N HIS B 23 0.45 2.93 5.26
CA HIS B 23 0.73 4.10 4.44
C HIS B 23 0.25 3.86 3.01
N PHE B 24 -0.87 4.47 2.65
CA PHE B 24 -1.59 4.16 1.42
C PHE B 24 -2.03 5.47 0.74
N PRO B 25 -2.46 5.41 -0.52
CA PRO B 25 -2.89 6.65 -1.18
C PRO B 25 -4.08 7.34 -0.49
N TRP B 26 -4.16 8.66 -0.67
CA TRP B 26 -5.25 9.48 -0.12
C TRP B 26 -6.40 9.63 -1.11
N ASN B 27 -6.21 9.06 -2.29
CA ASN B 27 -7.18 9.10 -3.38
C ASN B 27 -7.17 7.78 -4.12
N GLY B 28 -8.27 7.48 -4.81
CA GLY B 28 -8.30 6.43 -5.82
C GLY B 28 -8.70 5.06 -5.31
N ALA B 29 -8.23 4.04 -6.01
CA ALA B 29 -8.63 2.64 -5.79
C ALA B 29 -8.11 1.99 -4.50
N MET B 30 -7.18 2.64 -3.83
N MET B 30 -7.19 2.65 -3.81
CA MET B 30 -6.65 2.12 -2.56
CA MET B 30 -6.64 2.13 -2.56
C MET B 30 -6.92 3.04 -1.38
C MET B 30 -6.92 3.04 -1.38
N ARG B 31 -7.99 3.82 -1.49
CA ARG B 31 -8.40 4.74 -0.42
C ARG B 31 -9.21 3.99 0.64
N PHE B 32 -8.65 3.86 1.83
CA PHE B 32 -9.31 3.16 2.96
C PHE B 32 -10.65 3.78 3.37
N TYR B 33 -11.54 2.93 3.86
CA TYR B 33 -12.90 3.31 4.26
C TYR B 33 -13.26 2.53 5.53
N GLN B 34 -13.78 3.23 6.53
CA GLN B 34 -14.11 2.61 7.80
C GLN B 34 -15.48 1.98 7.75
N MET B 35 -15.58 0.79 8.33
CA MET B 35 -16.87 0.15 8.54
C MET B 35 -16.76 -0.92 9.61
N HIS B 36 -17.90 -1.24 10.21
CA HIS B 36 -18.07 -2.29 11.22
C HIS B 36 -19.16 -3.22 10.65
N LEU B 37 -18.82 -4.52 10.58
CA LEU B 37 -19.66 -5.56 9.98
C LEU B 37 -20.10 -6.55 11.06
N THR B 38 -21.40 -6.86 11.10
CA THR B 38 -21.93 -7.80 12.09
C THR B 38 -23.03 -8.70 11.49
N ILE B 39 -22.83 -10.02 11.58
CA ILE B 39 -23.92 -10.97 11.43
C ILE B 39 -24.05 -11.58 12.83
N PRO B 40 -25.06 -11.14 13.61
CA PRO B 40 -25.09 -11.49 15.03
C PRO B 40 -24.96 -13.00 15.22
N GLY B 41 -24.06 -13.38 16.12
CA GLY B 41 -23.80 -14.77 16.41
C GLY B 41 -22.58 -15.36 15.73
N ARG B 42 -22.14 -14.81 14.60
CA ARG B 42 -21.04 -15.45 13.86
C ARG B 42 -20.02 -14.54 13.19
N LEU B 43 -20.28 -13.23 13.16
CA LEU B 43 -19.30 -12.27 12.62
C LEU B 43 -19.49 -10.94 13.29
N ASP B 44 -18.41 -10.40 13.84
CA ASP B 44 -18.43 -9.05 14.40
C ASP B 44 -17.03 -8.46 14.32
N VAL B 45 -16.82 -7.61 13.32
CA VAL B 45 -15.47 -7.11 13.00
C VAL B 45 -15.55 -5.65 12.54
N MET B 46 -14.56 -4.87 12.91
CA MET B 46 -14.51 -3.45 12.55
C MET B 46 -13.11 -3.07 12.10
N GLY B 47 -13.04 -2.23 11.08
CA GLY B 47 -11.75 -1.63 10.72
C GLY B 47 -11.91 -0.76 9.50
N ALA B 48 -11.05 -0.98 8.51
CA ALA B 48 -11.13 -0.26 7.26
C ALA B 48 -10.78 -1.15 6.08
N SER B 49 -11.33 -0.80 4.92
CA SER B 49 -11.25 -1.62 3.71
C SER B 49 -11.00 -0.75 2.49
N LEU B 50 -10.57 -1.39 1.41
CA LEU B 50 -10.34 -0.68 0.16
C LEU B 50 -11.64 -0.63 -0.63
N PRO B 51 -11.76 0.35 -1.56
CA PRO B 51 -12.97 0.52 -2.37
C PRO B 51 -13.44 -0.74 -3.12
N GLY B 52 -14.71 -1.09 -2.90
CA GLY B 52 -15.35 -2.14 -3.67
C GLY B 52 -15.34 -3.51 -3.02
N LEU B 53 -14.68 -3.63 -1.87
CA LEU B 53 -14.51 -4.90 -1.17
C LEU B 53 -15.44 -5.02 0.05
N PRO B 54 -16.32 -6.04 0.05
CA PRO B 54 -17.29 -6.27 1.12
C PRO B 54 -16.69 -7.08 2.29
N VAL B 55 -15.44 -6.79 2.63
CA VAL B 55 -14.77 -7.37 3.79
C VAL B 55 -13.98 -6.28 4.49
N VAL B 56 -13.59 -6.52 5.74
CA VAL B 56 -12.70 -5.62 6.45
C VAL B 56 -11.23 -6.03 6.18
N ASN B 57 -10.40 -5.07 5.77
CA ASN B 57 -9.00 -5.36 5.42
C ASN B 57 -8.03 -5.25 6.57
N ILE B 58 -8.16 -4.19 7.36
CA ILE B 58 -7.37 -4.00 8.58
C ILE B 58 -8.38 -3.69 9.66
N GLY B 59 -8.35 -4.41 10.77
CA GLY B 59 -9.36 -4.22 11.80
C GLY B 59 -9.14 -4.98 13.08
N PHE B 60 -10.25 -5.21 13.79
CA PHE B 60 -10.21 -5.89 15.08
C PHE B 60 -11.57 -6.52 15.33
N SER B 61 -11.59 -7.47 16.26
CA SER B 61 -12.83 -8.12 16.69
C SER B 61 -12.72 -8.24 18.22
N ARG B 62 -13.55 -9.09 18.83
CA ARG B 62 -13.62 -9.17 20.31
C ARG B 62 -12.26 -9.47 20.98
N HIS B 63 -11.49 -10.39 20.42
CA HIS B 63 -10.22 -10.80 21.04
C HIS B 63 -8.99 -10.60 20.16
N LEU B 64 -9.15 -9.99 18.99
CA LEU B 64 -8.06 -9.94 18.02
C LEU B 64 -7.98 -8.60 17.29
N ALA B 65 -6.77 -8.10 17.08
CA ALA B 65 -6.56 -6.98 16.14
C ALA B 65 -5.49 -7.39 15.14
N TRP B 66 -5.70 -7.07 13.86
CA TRP B 66 -4.69 -7.36 12.84
C TRP B 66 -4.46 -6.17 11.90
N THR B 67 -3.30 -6.14 11.26
CA THR B 67 -3.01 -5.12 10.25
C THR B 67 -2.06 -5.67 9.20
N HIS B 68 -1.72 -4.84 8.22
CA HIS B 68 -0.85 -5.28 7.14
C HIS B 68 0.18 -4.20 6.80
N THR B 69 1.30 -4.64 6.21
CA THR B 69 2.28 -3.76 5.60
C THR B 69 2.74 -4.39 4.29
N VAL B 70 3.22 -3.58 3.35
CA VAL B 70 3.69 -4.12 2.07
C VAL B 70 5.00 -4.89 2.30
N ASP B 71 5.03 -6.15 1.87
CA ASP B 71 6.22 -7.00 2.07
C ASP B 71 7.30 -6.75 1.00
N THR B 72 8.47 -7.33 1.18
CA THR B 72 9.55 -7.19 0.20
C THR B 72 9.67 -8.46 -0.61
N SER B 73 8.77 -9.40 -0.37
CA SER B 73 8.76 -10.64 -1.11
C SER B 73 8.41 -10.39 -2.57
N SER B 74 8.85 -11.27 -3.45
CA SER B 74 8.46 -11.18 -4.85
C SER B 74 7.13 -11.89 -5.09
N HIS B 75 6.29 -11.28 -5.92
CA HIS B 75 4.97 -11.84 -6.22
C HIS B 75 4.82 -12.14 -7.69
N PHE B 76 5.94 -12.08 -8.41
CA PHE B 76 6.00 -12.35 -9.84
C PHE B 76 7.46 -12.73 -10.15
N THR B 77 7.69 -13.28 -11.32
CA THR B 77 9.06 -13.32 -11.83
C THR B 77 9.05 -12.88 -13.28
N LEU B 78 10.04 -12.07 -13.64
CA LEU B 78 10.35 -11.84 -15.03
C LEU B 78 11.00 -13.11 -15.57
N TYR B 79 10.75 -13.41 -16.84
CA TYR B 79 11.48 -14.45 -17.55
C TYR B 79 12.20 -13.85 -18.76
N ARG B 80 13.53 -13.93 -18.78
CA ARG B 80 14.29 -13.55 -19.96
C ARG B 80 14.16 -14.65 -20.98
N LEU B 81 13.56 -14.31 -22.12
CA LEU B 81 13.43 -15.25 -23.22
C LEU B 81 14.65 -15.19 -24.15
N ALA B 82 15.12 -16.34 -24.61
CA ALA B 82 16.06 -16.41 -25.73
C ALA B 82 15.22 -16.55 -27.00
N LEU B 83 15.32 -15.58 -27.90
CA LEU B 83 14.50 -15.59 -29.10
C LEU B 83 15.02 -16.55 -30.18
N ASP B 84 14.11 -17.09 -30.99
CA ASP B 84 14.48 -17.87 -32.17
C ASP B 84 15.36 -16.98 -33.07
N PRO B 85 16.60 -17.44 -33.37
CA PRO B 85 17.47 -16.59 -34.19
C PRO B 85 16.90 -16.28 -35.57
N LYS B 86 15.91 -17.05 -36.02
CA LYS B 86 15.30 -16.81 -37.34
C LYS B 86 13.99 -16.04 -37.28
N ASP B 87 13.49 -15.76 -36.07
CA ASP B 87 12.16 -15.16 -35.91
C ASP B 87 11.99 -14.59 -34.51
N PRO B 88 12.05 -13.24 -34.37
CA PRO B 88 11.95 -12.62 -33.04
C PRO B 88 10.54 -12.66 -32.42
N ARG B 89 9.60 -13.32 -33.08
CA ARG B 89 8.27 -13.58 -32.52
C ARG B 89 8.14 -15.03 -32.04
N ARG B 90 9.26 -15.75 -32.08
CA ARG B 90 9.36 -17.09 -31.50
C ARG B 90 10.47 -17.10 -30.42
N TYR B 91 10.34 -18.01 -29.45
CA TYR B 91 11.30 -18.09 -28.37
C TYR B 91 11.67 -19.55 -28.09
N LEU B 92 12.85 -19.75 -27.50
CA LEU B 92 13.40 -21.09 -27.30
C LEU B 92 13.19 -21.58 -25.90
N VAL B 93 12.62 -22.78 -25.76
CA VAL B 93 12.63 -23.47 -24.49
C VAL B 93 13.24 -24.86 -24.71
N ASP B 94 14.30 -25.18 -23.96
CA ASP B 94 15.05 -26.42 -24.19
C ASP B 94 15.41 -26.57 -25.67
N GLY B 95 15.77 -25.45 -26.29
CA GLY B 95 16.25 -25.41 -27.66
C GLY B 95 15.21 -25.59 -28.72
N ARG B 96 13.93 -25.66 -28.31
CA ARG B 96 12.81 -25.78 -29.23
C ARG B 96 12.11 -24.43 -29.44
N SER B 97 11.82 -24.10 -30.70
CA SER B 97 11.23 -22.82 -31.06
C SER B 97 9.72 -22.83 -30.87
N LEU B 98 9.23 -21.98 -29.97
CA LEU B 98 7.79 -21.85 -29.66
C LEU B 98 7.24 -20.53 -30.18
N PRO B 99 6.02 -20.53 -30.76
CA PRO B 99 5.47 -19.24 -31.21
C PRO B 99 4.91 -18.44 -30.02
N LEU B 100 5.04 -17.11 -30.05
CA LEU B 100 4.29 -16.28 -29.12
C LEU B 100 2.81 -16.31 -29.49
N GLU B 101 1.95 -16.26 -28.49
CA GLU B 101 0.52 -16.10 -28.72
C GLU B 101 0.14 -14.61 -28.78
N GLU B 102 -0.93 -14.30 -29.50
CA GLU B 102 -1.40 -12.93 -29.65
C GLU B 102 -2.81 -12.82 -29.12
N LYS B 103 -3.03 -11.87 -28.21
CA LYS B 103 -4.37 -11.55 -27.75
C LYS B 103 -4.61 -10.08 -28.04
N SER B 104 -5.58 -9.80 -28.91
CA SER B 104 -5.96 -8.44 -29.24
C SER B 104 -7.08 -7.94 -28.34
N VAL B 105 -7.01 -6.68 -27.92
CA VAL B 105 -8.09 -6.02 -27.22
C VAL B 105 -8.51 -4.81 -28.04
N ALA B 106 -9.79 -4.47 -27.98
CA ALA B 106 -10.32 -3.33 -28.69
C ALA B 106 -10.85 -2.32 -27.68
N ILE B 107 -10.42 -1.07 -27.82
CA ILE B 107 -10.75 0.00 -26.91
C ILE B 107 -11.45 1.14 -27.64
N GLU B 108 -12.58 1.60 -27.13
CA GLU B 108 -13.25 2.79 -27.64
C GLU B 108 -12.61 4.10 -27.13
N VAL B 109 -12.29 4.99 -28.05
CA VAL B 109 -11.67 6.27 -27.69
C VAL B 109 -12.57 7.46 -28.09
N ARG B 110 -12.90 8.29 -27.12
CA ARG B 110 -13.64 9.54 -27.37
C ARG B 110 -12.71 10.58 -28.00
N GLY B 111 -13.03 10.95 -29.24
CA GLY B 111 -12.22 11.89 -30.01
C GLY B 111 -12.49 13.37 -29.74
N ALA B 112 -11.63 14.22 -30.31
CA ALA B 112 -11.80 15.68 -30.29
C ALA B 112 -13.23 16.07 -30.68
N ASP B 113 -13.75 15.39 -31.70
CA ASP B 113 -15.10 15.62 -32.23
C ASP B 113 -16.24 15.04 -31.37
N GLY B 114 -15.92 14.61 -30.16
CA GLY B 114 -16.90 13.94 -29.28
C GLY B 114 -17.39 12.56 -29.71
N LYS B 115 -16.89 12.05 -30.82
CA LYS B 115 -17.31 10.73 -31.30
C LYS B 115 -16.33 9.61 -30.88
N LEU B 116 -16.80 8.37 -30.90
CA LEU B 116 -15.98 7.22 -30.55
C LEU B 116 -15.30 6.63 -31.76
N SER B 117 -14.03 6.27 -31.62
CA SER B 117 -13.40 5.37 -32.58
C SER B 117 -12.71 4.21 -31.86
N ARG B 118 -12.49 3.14 -32.61
CA ARG B 118 -12.04 1.88 -32.05
C ARG B 118 -10.54 1.70 -32.27
N VAL B 119 -9.80 1.46 -31.19
CA VAL B 119 -8.37 1.17 -31.27
C VAL B 119 -8.15 -0.30 -30.95
N GLU B 120 -7.45 -1.02 -31.83
CA GLU B 120 -7.09 -2.40 -31.59
C GLU B 120 -5.64 -2.49 -31.20
N HIS B 121 -5.36 -3.30 -30.19
CA HIS B 121 -4.02 -3.42 -29.67
C HIS B 121 -3.69 -4.88 -29.42
N LYS B 122 -2.52 -5.29 -29.91
CA LYS B 122 -2.04 -6.65 -29.77
C LYS B 122 -1.15 -6.86 -28.53
N VAL B 123 -1.54 -7.82 -27.69
CA VAL B 123 -0.74 -8.20 -26.54
C VAL B 123 -0.07 -9.56 -26.82
N TYR B 124 1.25 -9.53 -26.93
CA TYR B 124 2.03 -10.74 -27.11
C TYR B 124 2.23 -11.49 -25.80
N GLN B 125 2.07 -12.82 -25.85
CA GLN B 125 2.12 -13.67 -24.67
C GLN B 125 3.00 -14.89 -24.89
N SER B 126 3.74 -15.27 -23.86
CA SER B 126 4.51 -16.50 -23.89
C SER B 126 3.82 -17.50 -22.96
N ILE B 127 4.36 -18.72 -22.86
CA ILE B 127 3.90 -19.68 -21.85
C ILE B 127 3.98 -19.13 -20.41
N TYR B 128 4.80 -18.10 -20.19
CA TYR B 128 4.96 -17.51 -18.85
C TYR B 128 3.94 -16.39 -18.54
N GLY B 129 3.41 -15.77 -19.59
CA GLY B 129 2.60 -14.56 -19.44
C GLY B 129 3.00 -13.53 -20.48
N PRO B 130 2.49 -12.30 -20.36
CA PRO B 130 2.71 -11.30 -21.39
C PRO B 130 4.14 -10.78 -21.41
N LEU B 131 4.56 -10.33 -22.58
CA LEU B 131 5.86 -9.70 -22.71
C LEU B 131 5.78 -8.25 -22.20
N VAL B 132 6.89 -7.79 -21.62
CA VAL B 132 7.01 -6.43 -21.09
C VAL B 132 8.29 -5.75 -21.65
N VAL B 133 8.17 -4.46 -21.98
CA VAL B 133 9.34 -3.66 -22.43
C VAL B 133 9.60 -2.45 -21.50
N TRP B 134 10.82 -2.37 -20.95
CA TRP B 134 11.32 -1.18 -20.27
C TRP B 134 12.44 -0.68 -21.16
N PRO B 135 12.18 0.38 -21.95
CA PRO B 135 13.21 0.83 -22.90
C PRO B 135 14.55 1.07 -22.20
N GLY B 136 15.61 0.47 -22.74
CA GLY B 136 16.95 0.62 -22.21
C GLY B 136 17.28 -0.32 -21.07
N LYS B 137 16.32 -1.12 -20.62
CA LYS B 137 16.59 -2.10 -19.58
C LYS B 137 16.08 -3.49 -19.94
N LEU B 138 14.79 -3.57 -20.29
CA LEU B 138 14.20 -4.82 -20.73
C LEU B 138 13.64 -4.63 -22.12
N ASP B 139 14.52 -4.72 -23.11
CA ASP B 139 14.14 -4.50 -24.48
C ASP B 139 13.58 -5.78 -25.11
N TRP B 140 12.94 -5.63 -26.26
CA TRP B 140 12.59 -6.76 -27.07
C TRP B 140 13.36 -6.57 -28.38
N ASN B 141 14.55 -7.14 -28.45
CA ASN B 141 15.35 -7.02 -29.69
C ASN B 141 15.31 -8.32 -30.49
N ARG B 142 16.33 -8.57 -31.31
CA ARG B 142 16.35 -9.80 -32.11
C ARG B 142 16.95 -10.99 -31.36
N SER B 143 17.52 -10.72 -30.19
CA SER B 143 18.17 -11.75 -29.39
C SER B 143 17.35 -12.17 -28.17
N GLU B 144 16.74 -11.20 -27.48
CA GLU B 144 16.05 -11.49 -26.23
C GLU B 144 14.80 -10.64 -26.05
N ALA B 145 13.89 -11.14 -25.21
CA ALA B 145 12.73 -10.39 -24.74
C ALA B 145 12.43 -10.82 -23.30
N TYR B 146 11.47 -10.15 -22.67
CA TYR B 146 11.10 -10.46 -21.29
C TYR B 146 9.61 -10.66 -21.16
N ALA B 147 9.25 -11.75 -20.47
CA ALA B 147 7.87 -12.04 -20.15
C ALA B 147 7.71 -11.95 -18.64
N LEU B 148 6.47 -11.84 -18.17
CA LEU B 148 6.24 -11.66 -16.75
C LEU B 148 5.19 -12.65 -16.26
N ARG B 149 5.57 -13.48 -15.29
CA ARG B 149 4.61 -14.40 -14.69
C ARG B 149 4.17 -13.89 -13.33
N ASP B 150 2.91 -13.48 -13.25
CA ASP B 150 2.36 -12.91 -12.02
C ASP B 150 1.72 -14.02 -11.18
N ALA B 151 2.14 -14.15 -9.92
CA ALA B 151 1.69 -15.29 -9.11
C ALA B 151 0.24 -15.11 -8.65
N ASN B 152 -0.20 -13.87 -8.55
CA ASN B 152 -1.56 -13.59 -8.11
C ASN B 152 -2.68 -13.69 -9.14
N LEU B 153 -2.32 -13.81 -10.43
CA LEU B 153 -3.33 -13.98 -11.47
C LEU B 153 -4.19 -15.21 -11.22
N GLU B 154 -3.63 -16.22 -10.54
CA GLU B 154 -4.35 -17.44 -10.26
C GLU B 154 -4.83 -17.52 -8.82
N ASN B 155 -4.68 -16.42 -8.08
CA ASN B 155 -5.13 -16.37 -6.71
C ASN B 155 -6.62 -15.93 -6.67
N THR B 156 -7.50 -16.91 -6.76
CA THR B 156 -8.95 -16.70 -6.69
C THR B 156 -9.43 -16.69 -5.24
N ARG B 157 -8.47 -16.77 -4.33
CA ARG B 157 -8.75 -16.98 -2.92
C ARG B 157 -8.72 -15.71 -2.07
N VAL B 158 -8.43 -14.56 -2.69
CA VAL B 158 -8.16 -13.33 -1.94
C VAL B 158 -9.34 -12.85 -1.06
N LEU B 159 -10.54 -12.82 -1.62
CA LEU B 159 -11.74 -12.35 -0.89
C LEU B 159 -12.14 -13.33 0.22
N GLN B 160 -12.18 -14.62 -0.11
CA GLN B 160 -12.40 -15.66 0.91
C GLN B 160 -11.39 -15.48 2.05
N GLN B 161 -10.16 -15.14 1.71
CA GLN B 161 -9.10 -15.00 2.71
C GLN B 161 -9.38 -13.92 3.74
N TRP B 162 -9.75 -12.74 3.27
CA TRP B 162 -10.06 -11.67 4.21
C TRP B 162 -11.38 -11.94 4.95
N TYR B 163 -12.35 -12.50 4.26
CA TYR B 163 -13.57 -12.93 4.97
C TYR B 163 -13.25 -13.90 6.09
N SER B 164 -12.30 -14.80 5.83
CA SER B 164 -11.87 -15.74 6.87
C SER B 164 -11.12 -15.03 7.99
N ILE B 165 -10.22 -14.11 7.65
CA ILE B 165 -9.53 -13.30 8.65
C ILE B 165 -10.55 -12.57 9.54
N ASN B 166 -11.60 -12.04 8.91
CA ASN B 166 -12.69 -11.34 9.63
C ASN B 166 -13.39 -12.19 10.68
N GLN B 167 -13.35 -13.51 10.48
CA GLN B 167 -14.00 -14.46 11.37
C GLN B 167 -13.05 -15.03 12.42
N ALA B 168 -11.76 -14.69 12.33
CA ALA B 168 -10.73 -15.23 13.24
C ALA B 168 -10.92 -14.82 14.70
N SER B 169 -10.71 -15.77 15.61
CA SER B 169 -10.96 -15.54 17.01
C SER B 169 -9.75 -14.94 17.72
N ASP B 170 -8.59 -15.56 17.53
CA ASP B 170 -7.37 -15.08 18.16
C ASP B 170 -6.18 -15.25 17.20
N VAL B 171 -4.97 -14.95 17.67
CA VAL B 171 -3.76 -15.03 16.84
C VAL B 171 -3.55 -16.42 16.23
N ALA B 172 -3.69 -17.47 17.06
CA ALA B 172 -3.51 -18.85 16.60
C ALA B 172 -4.50 -19.19 15.49
N ASP B 173 -5.76 -18.77 15.68
CA ASP B 173 -6.79 -18.99 14.69
C ASP B 173 -6.47 -18.22 13.41
N LEU B 174 -6.09 -16.95 13.56
CA LEU B 174 -5.73 -16.13 12.40
C LEU B 174 -4.63 -16.81 11.58
N ARG B 175 -3.56 -17.23 12.27
CA ARG B 175 -2.45 -17.92 11.61
C ARG B 175 -2.88 -19.19 10.85
N ARG B 176 -3.70 -20.03 11.48
CA ARG B 176 -4.22 -21.24 10.82
C ARG B 176 -4.99 -20.87 9.56
N ARG B 177 -5.85 -19.85 9.68
CA ARG B 177 -6.73 -19.41 8.58
C ARG B 177 -5.95 -18.83 7.39
N VAL B 178 -4.85 -18.14 7.68
CA VAL B 178 -4.03 -17.58 6.61
C VAL B 178 -3.15 -18.66 5.98
N GLU B 179 -2.54 -19.50 6.82
CA GLU B 179 -1.68 -20.56 6.30
C GLU B 179 -2.45 -21.61 5.50
N ALA B 180 -3.72 -21.84 5.86
CA ALA B 180 -4.55 -22.83 5.15
C ALA B 180 -4.91 -22.37 3.74
N LEU B 181 -5.26 -21.10 3.60
CA LEU B 181 -5.80 -20.59 2.36
C LEU B 181 -4.73 -19.95 1.45
N GLN B 182 -3.73 -19.32 2.05
CA GLN B 182 -2.67 -18.62 1.29
C GLN B 182 -3.28 -17.70 0.21
N GLY B 183 -4.22 -16.87 0.61
CA GLY B 183 -4.90 -15.99 -0.34
C GLY B 183 -4.42 -14.55 -0.28
N ILE B 184 -3.47 -14.24 0.60
CA ILE B 184 -2.98 -12.87 0.74
C ILE B 184 -1.99 -12.53 -0.40
N PRO B 185 -2.26 -11.46 -1.17
CA PRO B 185 -1.47 -11.17 -2.37
C PRO B 185 -0.07 -10.60 -2.14
N TRP B 186 0.05 -9.54 -1.35
CA TRP B 186 1.33 -8.80 -1.30
C TRP B 186 1.62 -8.08 -0.01
N VAL B 187 1.00 -8.53 1.08
CA VAL B 187 1.27 -7.91 2.36
C VAL B 187 1.71 -8.88 3.45
N ASN B 188 2.46 -8.33 4.41
CA ASN B 188 2.72 -8.96 5.69
C ASN B 188 1.45 -8.82 6.51
N THR B 189 1.35 -9.63 7.56
CA THR B 189 0.25 -9.55 8.49
C THR B 189 0.85 -9.53 9.88
N LEU B 190 0.43 -8.54 10.68
CA LEU B 190 0.82 -8.44 12.08
C LEU B 190 -0.45 -8.36 12.95
N ALA B 191 -0.41 -9.01 14.11
CA ALA B 191 -1.61 -9.16 14.93
C ALA B 191 -1.24 -9.30 16.39
N ALA B 192 -2.20 -8.93 17.24
CA ALA B 192 -2.12 -9.21 18.67
C ALA B 192 -3.51 -9.65 19.14
N ASP B 193 -3.55 -10.51 20.15
CA ASP B 193 -4.82 -10.93 20.71
C ASP B 193 -4.92 -10.63 22.21
N GLU B 194 -6.11 -10.86 22.78
CA GLU B 194 -6.35 -10.58 24.19
C GLU B 194 -5.40 -11.35 25.13
N GLN B 195 -5.11 -12.61 24.78
CA GLN B 195 -4.22 -13.45 25.59
C GLN B 195 -2.75 -12.96 25.59
N GLY B 196 -2.40 -12.03 24.71
CA GLY B 196 -1.08 -11.42 24.76
C GLY B 196 -0.06 -12.01 23.80
N ASN B 197 -0.55 -12.66 22.74
CA ASN B 197 0.32 -13.10 21.66
C ASN B 197 0.57 -11.99 20.65
N ALA B 198 1.80 -11.94 20.12
CA ALA B 198 2.14 -11.02 19.03
C ALA B 198 2.66 -11.81 17.83
N LEU B 199 1.98 -11.65 16.71
CA LEU B 199 2.24 -12.43 15.50
C LEU B 199 2.74 -11.56 14.35
N TYR B 200 3.80 -12.01 13.71
CA TYR B 200 4.18 -11.49 12.41
C TYR B 200 4.15 -12.66 11.42
N MET B 201 3.53 -12.43 10.27
CA MET B 201 3.52 -13.41 9.18
C MET B 201 3.92 -12.71 7.90
N ASN B 202 4.90 -13.30 7.23
CA ASN B 202 5.23 -12.93 5.86
C ASN B 202 4.51 -13.96 4.98
N GLN B 203 3.18 -14.04 5.13
CA GLN B 203 2.39 -15.08 4.47
C GLN B 203 1.57 -14.54 3.31
N SER B 204 2.17 -14.58 2.11
CA SER B 204 1.57 -14.11 0.87
C SER B 204 1.84 -15.10 -0.27
N VAL B 205 1.31 -14.79 -1.44
CA VAL B 205 1.49 -15.62 -2.64
C VAL B 205 2.83 -15.25 -3.28
N VAL B 206 3.79 -16.18 -3.19
CA VAL B 206 5.17 -15.98 -3.66
C VAL B 206 5.59 -17.12 -4.59
N PRO B 207 6.15 -16.78 -5.79
CA PRO B 207 6.65 -17.82 -6.68
C PRO B 207 7.64 -18.76 -5.97
N TYR B 208 7.47 -20.06 -6.16
CA TYR B 208 8.30 -21.04 -5.51
C TYR B 208 9.35 -21.58 -6.49
N LEU B 209 10.60 -21.55 -6.06
CA LEU B 209 11.67 -22.24 -6.77
C LEU B 209 12.56 -22.93 -5.75
N LYS B 210 12.72 -24.25 -5.90
CA LYS B 210 13.53 -25.05 -4.97
C LYS B 210 14.94 -24.47 -4.90
N PRO B 211 15.56 -24.46 -3.69
CA PRO B 211 16.81 -23.77 -3.38
C PRO B 211 17.94 -24.06 -4.36
N GLU B 212 18.04 -25.31 -4.82
CA GLU B 212 19.13 -25.73 -5.69
C GLU B 212 18.99 -25.20 -7.13
N LEU B 213 17.84 -24.61 -7.46
CA LEU B 213 17.61 -24.12 -8.82
C LEU B 213 18.01 -22.66 -9.01
N ILE B 214 18.07 -21.91 -7.91
CA ILE B 214 18.34 -20.48 -7.95
C ILE B 214 19.66 -20.07 -8.65
N PRO B 215 20.82 -20.63 -8.21
CA PRO B 215 22.09 -20.17 -8.79
C PRO B 215 22.16 -20.24 -10.32
N ALA B 216 21.47 -21.19 -10.92
CA ALA B 216 21.47 -21.28 -12.37
C ALA B 216 20.23 -20.67 -13.00
N CYS B 217 19.16 -20.51 -12.23
CA CYS B 217 17.92 -19.98 -12.83
C CYS B 217 17.80 -18.46 -12.76
N ALA B 218 18.52 -17.83 -11.83
CA ALA B 218 18.51 -16.37 -11.69
C ALA B 218 19.21 -15.68 -12.88
N ILE B 219 18.79 -14.45 -13.18
CA ILE B 219 19.51 -13.61 -14.13
C ILE B 219 20.42 -12.74 -13.26
N PRO B 220 21.74 -13.03 -13.28
CA PRO B 220 22.67 -12.42 -12.32
C PRO B 220 22.66 -10.88 -12.36
N GLN B 221 22.61 -10.29 -13.56
CA GLN B 221 22.53 -8.83 -13.75
C GLN B 221 21.34 -8.22 -13.00
N LEU B 222 20.20 -8.90 -13.03
CA LEU B 222 18.94 -8.32 -12.53
C LEU B 222 18.71 -8.57 -11.05
N VAL B 223 19.23 -9.68 -10.53
CA VAL B 223 19.05 -9.97 -9.11
C VAL B 223 19.84 -9.02 -8.21
N ALA B 224 20.97 -8.53 -8.71
CA ALA B 224 21.77 -7.55 -7.98
C ALA B 224 20.89 -6.39 -7.53
N GLU B 225 20.09 -5.86 -8.45
CA GLU B 225 19.17 -4.77 -8.17
C GLU B 225 17.81 -5.21 -7.64
N GLY B 226 17.67 -6.50 -7.30
CA GLY B 226 16.45 -6.99 -6.62
C GLY B 226 15.23 -7.13 -7.51
N LEU B 227 15.45 -7.34 -8.80
CA LEU B 227 14.36 -7.60 -9.73
C LEU B 227 14.25 -9.13 -9.86
N PRO B 228 13.05 -9.71 -9.57
CA PRO B 228 12.94 -11.18 -9.65
C PRO B 228 12.90 -11.65 -11.12
N ALA B 229 13.97 -12.29 -11.54
CA ALA B 229 14.12 -12.62 -12.95
C ALA B 229 14.71 -14.00 -13.07
N LEU B 230 14.19 -14.77 -14.03
CA LEU B 230 14.63 -16.14 -14.25
C LEU B 230 14.95 -16.39 -15.72
N GLN B 231 15.72 -17.45 -15.98
CA GLN B 231 16.10 -17.85 -17.33
C GLN B 231 14.91 -18.56 -17.98
N GLY B 232 14.32 -17.94 -19.00
CA GLY B 232 13.11 -18.46 -19.64
C GLY B 232 13.34 -19.40 -20.82
N GLN B 233 14.61 -19.75 -21.07
CA GLN B 233 14.95 -20.71 -22.15
C GLN B 233 15.15 -22.16 -21.63
N ASP B 234 15.04 -22.32 -20.32
CA ASP B 234 15.23 -23.62 -19.66
C ASP B 234 13.95 -24.02 -18.94
N SER B 235 13.34 -25.14 -19.35
CA SER B 235 12.11 -25.61 -18.68
C SER B 235 12.27 -25.92 -17.19
N ARG B 236 13.50 -26.17 -16.73
CA ARG B 236 13.75 -26.47 -15.31
C ARG B 236 13.67 -25.23 -14.43
N CYS B 237 13.52 -24.06 -15.04
CA CYS B 237 13.33 -22.79 -14.31
C CYS B 237 11.84 -22.42 -14.16
N ALA B 238 10.93 -23.35 -14.50
CA ALA B 238 9.51 -23.18 -14.18
C ALA B 238 9.38 -23.11 -12.66
N TRP B 239 8.37 -22.40 -12.16
CA TRP B 239 8.17 -22.40 -10.70
C TRP B 239 7.99 -23.84 -10.25
N SER B 240 8.51 -24.17 -9.08
CA SER B 240 8.49 -25.54 -8.56
C SER B 240 7.10 -25.89 -8.03
N ARG B 241 6.74 -27.17 -8.13
CA ARG B 241 5.45 -27.66 -7.65
C ARG B 241 5.63 -28.35 -6.32
N ASP B 242 4.73 -28.08 -5.38
CA ASP B 242 4.78 -28.73 -4.08
C ASP B 242 3.33 -28.91 -3.62
N PRO B 243 2.93 -30.16 -3.32
CA PRO B 243 1.51 -30.44 -3.10
C PRO B 243 0.93 -29.76 -1.85
N ALA B 244 1.81 -29.32 -0.95
CA ALA B 244 1.41 -28.61 0.26
C ALA B 244 1.00 -27.15 0.01
N ALA B 245 1.40 -26.60 -1.14
CA ALA B 245 1.04 -25.21 -1.48
C ALA B 245 -0.40 -25.14 -1.95
N ALA B 246 -1.11 -24.10 -1.51
CA ALA B 246 -2.53 -23.91 -1.86
C ALA B 246 -2.77 -23.68 -3.35
N GLN B 247 -1.72 -23.31 -4.07
CA GLN B 247 -1.84 -22.96 -5.48
C GLN B 247 -0.59 -23.45 -6.19
N ALA B 248 -0.76 -24.03 -7.37
CA ALA B 248 0.36 -24.64 -8.12
C ALA B 248 1.44 -23.60 -8.45
N GLY B 249 2.67 -23.86 -8.00
CA GLY B 249 3.79 -22.97 -8.28
C GLY B 249 4.10 -21.93 -7.23
N ILE B 250 3.32 -21.87 -6.14
CA ILE B 250 3.59 -20.92 -5.06
C ILE B 250 4.30 -21.55 -3.87
N THR B 251 4.91 -20.72 -3.03
CA THR B 251 5.68 -21.20 -1.88
C THR B 251 4.71 -21.74 -0.81
N PRO B 252 4.93 -23.01 -0.35
CA PRO B 252 4.11 -23.55 0.76
C PRO B 252 4.26 -22.70 2.03
N ALA B 253 3.21 -22.69 2.85
CA ALA B 253 3.13 -21.82 4.03
C ALA B 253 4.25 -22.08 5.05
N ALA B 254 4.62 -23.36 5.19
CA ALA B 254 5.67 -23.77 6.12
C ALA B 254 7.03 -23.17 5.76
N GLN B 255 7.17 -22.72 4.53
CA GLN B 255 8.46 -22.16 4.08
C GLN B 255 8.52 -20.64 4.10
N LEU B 256 7.44 -20.00 4.57
CA LEU B 256 7.40 -18.54 4.66
C LEU B 256 7.64 -18.06 6.10
N PRO B 257 8.26 -16.89 6.27
CA PRO B 257 8.58 -16.43 7.63
C PRO B 257 7.36 -16.17 8.51
N VAL B 258 7.43 -16.70 9.73
CA VAL B 258 6.43 -16.42 10.76
C VAL B 258 7.19 -16.23 12.08
N LEU B 259 6.80 -15.23 12.85
CA LEU B 259 7.35 -15.06 14.18
C LEU B 259 6.20 -14.86 15.16
N LEU B 260 6.16 -15.73 16.18
CA LEU B 260 5.15 -15.66 17.22
C LEU B 260 5.85 -15.41 18.54
N ARG B 261 5.59 -14.26 19.14
CA ARG B 261 6.29 -13.88 20.36
C ARG B 261 5.34 -13.33 21.40
N ARG B 262 5.85 -13.13 22.61
CA ARG B 262 5.05 -12.51 23.64
C ARG B 262 5.63 -11.15 24.04
N ASP B 263 6.67 -10.71 23.35
CA ASP B 263 7.20 -9.38 23.63
C ASP B 263 6.76 -8.35 22.57
N PHE B 264 7.30 -8.43 21.36
CA PHE B 264 6.83 -7.56 20.27
C PHE B 264 7.27 -8.07 18.91
N VAL B 265 6.51 -7.68 17.89
CA VAL B 265 6.93 -7.77 16.49
C VAL B 265 6.62 -6.44 15.83
N GLN B 266 7.42 -6.07 14.84
CA GLN B 266 7.21 -4.84 14.10
C GLN B 266 7.57 -5.02 12.63
N ASN B 267 7.02 -4.18 11.77
CA ASN B 267 7.47 -4.09 10.39
C ASN B 267 7.19 -2.71 9.82
N SER B 268 8.16 -2.18 9.09
CA SER B 268 7.99 -0.96 8.32
C SER B 268 8.41 -1.12 6.85
N ASN B 269 7.91 -2.16 6.18
CA ASN B 269 8.17 -2.44 4.75
C ASN B 269 9.56 -2.99 4.43
N ASP B 270 10.37 -3.25 5.46
CA ASP B 270 11.60 -4.02 5.26
C ASP B 270 11.25 -5.49 5.26
N SER B 271 12.23 -6.35 4.99
CA SER B 271 12.00 -7.80 4.96
C SER B 271 11.68 -8.36 6.35
N ALA B 272 11.43 -9.66 6.41
CA ALA B 272 11.16 -10.34 7.68
C ALA B 272 12.35 -10.31 8.66
N TRP B 273 13.55 -10.14 8.13
CA TRP B 273 14.78 -10.31 8.91
C TRP B 273 14.72 -9.84 10.39
N LEU B 274 14.55 -8.53 10.60
CA LEU B 274 14.61 -7.94 11.94
C LEU B 274 13.25 -7.56 12.56
N THR B 275 12.21 -8.29 12.19
CA THR B 275 10.89 -8.19 12.82
C THR B 275 11.02 -8.07 14.34
N ASN B 276 11.84 -8.93 14.93
CA ASN B 276 12.34 -8.74 16.28
C ASN B 276 13.80 -9.24 16.30
N PRO B 277 14.75 -8.32 16.52
CA PRO B 277 16.20 -8.59 16.47
C PRO B 277 16.67 -9.68 17.45
N ALA B 278 15.94 -9.88 18.55
CA ALA B 278 16.24 -10.98 19.48
C ALA B 278 16.07 -12.35 18.81
N SER B 279 15.32 -12.37 17.71
CA SER B 279 15.07 -13.62 16.99
C SER B 279 15.07 -13.38 15.47
N PRO B 280 16.26 -13.10 14.89
CA PRO B 280 16.31 -12.77 13.46
C PRO B 280 15.69 -13.86 12.58
N LEU B 281 15.00 -13.45 11.53
CA LEU B 281 14.43 -14.41 10.59
C LEU B 281 15.35 -14.50 9.38
N GLN B 282 15.91 -15.69 9.17
CA GLN B 282 17.00 -15.88 8.21
C GLN B 282 16.87 -17.20 7.49
N GLY B 283 17.61 -17.34 6.40
CA GLY B 283 17.68 -18.59 5.65
C GLY B 283 16.52 -18.85 4.70
N PHE B 284 15.80 -17.80 4.32
CA PHE B 284 14.71 -17.94 3.35
C PHE B 284 15.16 -17.71 1.91
N SER B 285 14.38 -18.20 0.95
CA SER B 285 14.62 -17.88 -0.46
C SER B 285 14.79 -16.38 -0.68
N PRO B 286 15.65 -15.98 -1.65
CA PRO B 286 15.75 -14.55 -2.00
C PRO B 286 14.44 -13.97 -2.58
N LEU B 287 13.56 -14.84 -3.07
CA LEU B 287 12.22 -14.42 -3.52
C LEU B 287 11.35 -14.07 -2.33
N VAL B 288 11.77 -14.51 -1.15
CA VAL B 288 10.94 -14.41 0.06
C VAL B 288 11.43 -13.29 0.99
N SER B 289 12.67 -13.37 1.43
CA SER B 289 13.18 -12.46 2.45
C SER B 289 14.70 -12.48 2.44
N GLN B 290 15.26 -11.28 2.40
CA GLN B 290 16.72 -11.11 2.42
C GLN B 290 17.18 -10.24 3.57
N GLU B 291 18.44 -10.42 3.97
N GLU B 291 18.42 -10.48 3.99
CA GLU B 291 19.00 -9.65 5.07
CA GLU B 291 19.08 -9.65 4.98
C GLU B 291 19.57 -8.30 4.57
C GLU B 291 19.57 -8.38 4.30
N LYS B 292 18.68 -7.40 4.17
CA LYS B 292 19.07 -6.07 3.68
C LYS B 292 19.03 -5.05 4.83
N PRO B 293 19.83 -3.96 4.74
CA PRO B 293 19.78 -2.91 5.77
C PRO B 293 18.36 -2.37 5.91
N ILE B 294 17.94 -2.05 7.14
CA ILE B 294 16.58 -1.63 7.34
C ILE B 294 16.45 -0.13 7.12
N GLY B 295 15.25 0.31 6.71
CA GLY B 295 14.96 1.73 6.54
C GLY B 295 14.93 2.45 7.88
N PRO B 296 14.96 3.79 7.86
CA PRO B 296 14.98 4.58 9.08
C PRO B 296 13.71 4.46 9.95
N ARG B 297 12.55 4.19 9.33
CA ARG B 297 11.31 3.99 10.12
C ARG B 297 11.43 2.77 11.07
N ALA B 298 11.84 1.63 10.52
CA ALA B 298 12.06 0.41 11.30
C ALA B 298 13.14 0.60 12.37
N ARG B 299 14.22 1.25 11.98
CA ARG B 299 15.30 1.59 12.88
C ARG B 299 14.79 2.48 14.02
N TYR B 300 14.00 3.51 13.68
CA TYR B 300 13.35 4.32 14.71
C TYR B 300 12.49 3.47 15.66
N ALA B 301 11.61 2.65 15.11
CA ALA B 301 10.71 1.84 15.94
C ALA B 301 11.49 0.92 16.87
N LEU B 302 12.50 0.23 16.32
CA LEU B 302 13.35 -0.63 17.13
C LEU B 302 14.05 0.12 18.26
N SER B 303 14.46 1.35 18.01
CA SER B 303 15.11 2.15 19.05
C SER B 303 14.13 2.46 20.20
N ARG B 304 12.84 2.53 19.88
CA ARG B 304 11.80 2.78 20.89
C ARG B 304 11.31 1.50 21.54
N LEU B 305 11.40 0.37 20.84
CA LEU B 305 10.83 -0.88 21.34
C LEU B 305 11.79 -1.78 22.14
N GLN B 306 13.08 -1.67 21.86
CA GLN B 306 14.08 -2.49 22.56
C GLN B 306 14.16 -2.11 24.04
N GLY B 307 14.51 -3.06 24.88
CA GLY B 307 14.62 -2.80 26.31
C GLY B 307 13.59 -3.58 27.10
N LYS B 308 13.33 -3.12 28.32
CA LYS B 308 12.53 -3.90 29.27
C LYS B 308 11.36 -3.13 29.88
N GLN B 309 11.28 -1.83 29.56
CA GLN B 309 10.18 -1.02 30.04
C GLN B 309 8.87 -1.41 29.37
N PRO B 310 7.75 -1.41 30.13
CA PRO B 310 6.48 -1.79 29.57
C PRO B 310 5.99 -0.76 28.54
N LEU B 311 5.31 -1.24 27.50
CA LEU B 311 4.80 -0.37 26.46
C LEU B 311 3.34 -0.05 26.74
N GLU B 312 3.02 1.23 26.75
CA GLU B 312 1.64 1.69 26.93
C GLU B 312 1.05 2.11 25.59
N ALA B 313 -0.27 2.07 25.49
CA ALA B 313 -0.98 2.54 24.31
C ALA B 313 -0.48 3.93 23.91
N LYS B 314 -0.36 4.80 24.90
CA LYS B 314 0.13 6.17 24.72
C LYS B 314 1.51 6.22 24.05
N THR B 315 2.38 5.28 24.43
CA THR B 315 3.72 5.23 23.84
C THR B 315 3.62 4.98 22.34
N LEU B 316 2.78 4.02 21.95
CA LEU B 316 2.63 3.69 20.52
C LEU B 316 1.97 4.83 19.77
N GLU B 317 0.99 5.50 20.38
CA GLU B 317 0.38 6.66 19.75
C GLU B 317 1.42 7.74 19.43
N GLU B 318 2.27 8.01 20.41
CA GLU B 318 3.22 9.13 20.33
C GLU B 318 4.39 8.85 19.40
N MET B 319 4.65 7.56 19.15
CA MET B 319 5.59 7.18 18.12
C MET B 319 5.12 7.70 16.76
N VAL B 320 3.80 7.77 16.57
CA VAL B 320 3.22 8.36 15.36
C VAL B 320 3.16 9.89 15.48
N THR B 321 2.57 10.39 16.56
CA THR B 321 2.27 11.81 16.68
C THR B 321 3.48 12.70 17.03
N ALA B 322 4.59 12.10 17.46
CA ALA B 322 5.83 12.87 17.67
C ALA B 322 6.33 13.52 16.38
N ASN B 323 6.08 12.89 15.23
CA ASN B 323 6.59 13.34 13.93
C ASN B 323 8.12 13.51 13.88
N HIS B 324 8.84 12.66 14.59
CA HIS B 324 10.31 12.77 14.67
C HIS B 324 10.95 12.34 13.35
N VAL B 325 11.88 13.16 12.87
CA VAL B 325 12.58 12.91 11.61
C VAL B 325 13.84 12.12 11.97
N PHE B 326 13.68 10.81 12.07
CA PHE B 326 14.72 9.94 12.58
C PHE B 326 16.01 9.95 11.77
N SER B 327 15.92 10.23 10.47
CA SER B 327 17.13 10.34 9.64
C SER B 327 18.05 11.44 10.12
N ALA B 328 17.48 12.47 10.75
CA ALA B 328 18.26 13.57 11.36
C ALA B 328 19.22 13.08 12.44
N ASP B 329 18.83 12.04 13.18
CA ASP B 329 19.72 11.47 14.22
C ASP B 329 21.04 10.99 13.64
N GLN B 330 21.03 10.45 12.44
CA GLN B 330 22.24 9.89 11.82
C GLN B 330 23.18 10.96 11.25
N VAL B 331 22.64 12.07 10.76
CA VAL B 331 23.45 13.05 10.03
C VAL B 331 23.50 14.46 10.61
N LEU B 332 22.45 14.88 11.32
CA LEU B 332 22.38 16.27 11.80
C LEU B 332 23.49 16.67 12.78
N PRO B 333 23.87 15.78 13.74
CA PRO B 333 24.95 16.21 14.65
C PRO B 333 26.22 16.63 13.91
N ASP B 334 26.67 15.79 12.97
CA ASP B 334 27.86 16.10 12.16
C ASP B 334 27.64 17.26 11.19
N LEU B 335 26.44 17.35 10.63
CA LEU B 335 26.08 18.47 9.77
C LEU B 335 26.17 19.81 10.50
N LEU B 336 25.76 19.82 11.78
CA LEU B 336 25.85 21.02 12.59
C LEU B 336 27.32 21.36 12.94
N ARG B 337 28.15 20.32 13.10
CA ARG B 337 29.58 20.53 13.34
C ARG B 337 30.25 21.20 12.13
N LEU B 338 29.96 20.69 10.93
CA LEU B 338 30.41 21.31 9.67
C LEU B 338 29.91 22.76 9.56
N CYS B 339 28.66 23.00 9.96
CA CYS B 339 28.14 24.35 10.02
C CYS B 339 28.96 25.29 10.92
N ARG B 340 29.35 24.79 12.09
CA ARG B 340 30.17 25.58 13.03
C ARG B 340 31.58 25.81 12.48
N ASP B 341 32.10 24.83 11.76
CA ASP B 341 33.41 24.92 11.09
C ASP B 341 33.43 25.87 9.91
N ASN B 342 32.25 26.37 9.51
CA ASN B 342 32.17 27.26 8.36
C ASN B 342 31.40 28.53 8.68
N GLN B 343 31.49 28.96 9.93
CA GLN B 343 30.85 30.20 10.37
C GLN B 343 31.35 31.34 9.47
N GLY B 344 30.45 32.23 9.08
CA GLY B 344 30.82 33.33 8.19
C GLY B 344 31.17 32.89 6.77
N GLU B 345 30.50 31.85 6.28
CA GLU B 345 30.42 31.58 4.84
C GLU B 345 28.99 31.95 4.43
N LYS B 346 28.86 33.10 3.77
CA LYS B 346 27.55 33.70 3.47
C LYS B 346 26.53 32.71 2.89
N SER B 347 27.00 31.82 2.01
CA SER B 347 26.12 30.85 1.36
C SER B 347 25.49 29.83 2.34
N LEU B 348 26.16 29.59 3.47
CA LEU B 348 25.70 28.58 4.44
C LEU B 348 24.92 29.16 5.62
N ALA B 349 24.92 30.49 5.74
CA ALA B 349 24.36 31.19 6.91
C ALA B 349 22.92 30.81 7.26
N ARG B 350 22.00 31.05 6.32
CA ARG B 350 20.57 30.80 6.54
C ARG B 350 20.26 29.31 6.80
N ALA B 351 20.91 28.43 6.05
CA ALA B 351 20.75 26.98 6.21
C ALA B 351 21.15 26.51 7.62
N CYS B 352 22.33 26.93 8.08
CA CYS B 352 22.83 26.54 9.40
C CYS B 352 22.00 27.08 10.56
N ALA B 353 21.54 28.33 10.42
CA ALA B 353 20.58 28.93 11.35
C ALA B 353 19.31 28.08 11.43
N ALA B 354 18.68 27.84 10.28
CA ALA B 354 17.45 27.04 10.22
C ALA B 354 17.61 25.67 10.88
N LEU B 355 18.69 24.97 10.51
CA LEU B 355 18.95 23.62 10.99
C LEU B 355 19.25 23.55 12.49
N ALA B 356 19.93 24.57 13.03
CA ALA B 356 20.25 24.60 14.47
C ALA B 356 19.02 24.94 15.30
N GLN B 357 18.10 25.69 14.71
CA GLN B 357 16.87 26.11 15.37
C GLN B 357 15.78 25.02 15.31
N TRP B 358 15.98 24.04 14.43
CA TRP B 358 14.96 23.06 14.08
C TRP B 358 14.71 22.05 15.19
N ASP B 359 13.43 21.75 15.44
CA ASP B 359 13.05 20.78 16.48
C ASP B 359 13.23 19.32 16.05
N ARG B 360 13.80 19.10 14.86
CA ARG B 360 14.06 17.75 14.31
C ARG B 360 12.76 16.98 14.02
N GLY B 361 11.67 17.73 13.88
CA GLY B 361 10.35 17.17 13.66
C GLY B 361 9.70 17.58 12.35
N ALA B 362 8.59 16.89 12.04
CA ALA B 362 7.75 17.24 10.90
C ALA B 362 6.36 17.63 11.43
N ASN B 363 6.39 18.40 12.52
CA ASN B 363 5.20 18.99 13.13
C ASN B 363 4.71 20.17 12.32
N LEU B 364 3.46 20.57 12.53
CA LEU B 364 2.91 21.76 11.88
C LEU B 364 3.79 23.00 12.15
N ASP B 365 4.25 23.14 13.39
N ASP B 365 4.26 23.16 13.38
CA ASP B 365 5.07 24.27 13.83
CA ASP B 365 5.06 24.32 13.77
C ASP B 365 6.58 23.99 13.80
C ASP B 365 6.55 24.21 13.40
N SER B 366 6.99 23.03 12.97
CA SER B 366 8.42 22.77 12.73
C SER B 366 9.00 23.80 11.77
N GLY B 367 10.17 24.32 12.13
CA GLY B 367 10.83 25.33 11.30
C GLY B 367 11.33 24.83 9.96
N SER B 368 11.65 25.79 9.09
CA SER B 368 12.20 25.54 7.75
C SER B 368 13.46 24.66 7.73
N GLY B 369 14.06 24.43 8.88
CA GLY B 369 15.14 23.46 9.03
C GLY B 369 14.83 22.10 8.43
N PHE B 370 13.57 21.68 8.51
CA PHE B 370 13.11 20.43 7.90
C PHE B 370 13.28 20.46 6.38
N VAL B 371 12.83 21.54 5.75
CA VAL B 371 12.97 21.71 4.31
C VAL B 371 14.44 21.71 3.85
N TYR B 372 15.30 22.45 4.57
CA TYR B 372 16.74 22.40 4.30
C TYR B 372 17.30 20.99 4.45
N PHE B 373 16.88 20.30 5.51
CA PHE B 373 17.36 18.94 5.77
C PHE B 373 16.97 17.99 4.66
N GLN B 374 15.73 18.10 4.19
CA GLN B 374 15.24 17.23 3.12
C GLN B 374 16.09 17.38 1.86
N ARG B 375 16.26 18.62 1.40
CA ARG B 375 17.01 18.86 0.16
C ARG B 375 18.47 18.46 0.32
N PHE B 376 19.05 18.66 1.51
CA PHE B 376 20.40 18.17 1.77
C PHE B 376 20.47 16.66 1.65
N MET B 377 19.54 15.97 2.30
CA MET B 377 19.54 14.49 2.32
C MET B 377 19.41 13.86 0.94
N GLN B 378 18.62 14.48 0.07
CA GLN B 378 18.49 14.04 -1.32
C GLN B 378 19.85 14.06 -2.02
N ARG B 379 20.64 15.08 -1.76
CA ARG B 379 22.00 15.15 -2.31
C ARG B 379 22.97 14.23 -1.57
N PHE B 380 22.89 14.21 -0.24
CA PHE B 380 23.73 13.34 0.58
C PHE B 380 23.60 11.88 0.17
N ALA B 381 22.37 11.47 -0.15
CA ALA B 381 22.06 10.10 -0.59
C ALA B 381 22.88 9.63 -1.78
N GLU B 382 23.29 10.56 -2.64
CA GLU B 382 24.01 10.23 -3.86
C GLU B 382 25.52 10.45 -3.77
N LEU B 383 26.05 10.60 -2.57
CA LEU B 383 27.50 10.69 -2.37
C LEU B 383 28.04 9.32 -1.93
N ASP B 384 29.24 8.97 -2.40
CA ASP B 384 29.86 7.68 -2.04
C ASP B 384 30.81 7.82 -0.86
N GLY B 385 30.79 6.82 0.02
CA GLY B 385 31.68 6.74 1.18
C GLY B 385 31.65 7.92 2.15
N ALA B 386 30.48 8.56 2.28
CA ALA B 386 30.32 9.73 3.14
C ALA B 386 29.94 9.43 4.60
N TRP B 387 29.48 8.20 4.86
CA TRP B 387 29.15 7.76 6.22
C TRP B 387 30.41 7.61 7.08
N LYS B 388 30.35 8.08 8.31
CA LYS B 388 31.44 7.85 9.27
C LYS B 388 31.52 6.34 9.57
N GLU B 389 30.39 5.75 9.91
CA GLU B 389 30.29 4.31 10.06
C GLU B 389 29.27 3.82 9.05
N PRO B 390 29.73 3.15 7.98
CA PRO B 390 28.80 2.62 6.97
C PRO B 390 27.96 1.47 7.54
N PHE B 391 26.99 0.99 6.77
CA PHE B 391 26.17 -0.13 7.21
C PHE B 391 27.03 -1.31 7.63
N ASP B 392 26.73 -1.84 8.81
CA ASP B 392 27.47 -2.93 9.39
C ASP B 392 26.48 -4.06 9.72
N ALA B 393 26.57 -5.16 8.98
CA ALA B 393 25.69 -6.32 9.16
C ALA B 393 25.63 -6.82 10.61
N GLN B 394 26.72 -6.62 11.35
CA GLN B 394 26.83 -7.03 12.75
C GLN B 394 26.23 -6.01 13.71
N ARG B 395 25.95 -4.80 13.21
CA ARG B 395 25.28 -3.75 13.99
C ARG B 395 24.16 -3.10 13.16
N PRO B 396 23.18 -3.92 12.69
CA PRO B 396 22.19 -3.46 11.72
C PRO B 396 21.23 -2.39 12.25
N LEU B 397 21.20 -2.22 13.56
CA LEU B 397 20.33 -1.23 14.19
C LEU B 397 20.96 0.16 14.28
N ASP B 398 22.29 0.21 14.40
CA ASP B 398 23.01 1.46 14.69
C ASP B 398 23.85 2.00 13.54
N THR B 399 23.80 1.32 12.40
CA THR B 399 24.53 1.77 11.21
C THR B 399 23.58 1.80 10.01
N PRO B 400 23.83 2.70 9.05
CA PRO B 400 24.91 3.71 9.01
C PRO B 400 24.69 4.89 9.97
N GLN B 401 25.78 5.55 10.35
CA GLN B 401 25.76 6.65 11.32
C GLN B 401 26.89 7.65 11.06
N GLY B 402 26.54 8.94 11.09
CA GLY B 402 27.54 10.02 11.08
C GLY B 402 28.12 10.36 9.73
N ILE B 403 28.72 11.55 9.64
CA ILE B 403 29.38 12.00 8.41
C ILE B 403 30.91 11.88 8.57
N ALA B 404 31.56 11.27 7.59
CA ALA B 404 33.02 11.08 7.62
C ALA B 404 33.76 12.39 7.27
N LEU B 405 33.58 13.38 8.14
CA LEU B 405 34.14 14.72 7.94
C LEU B 405 35.66 14.74 8.02
N ASP B 406 36.26 13.73 8.64
CA ASP B 406 37.72 13.63 8.76
C ASP B 406 38.40 13.34 7.42
N ARG B 407 37.65 12.76 6.48
CA ARG B 407 38.09 12.66 5.09
C ARG B 407 37.86 13.99 4.38
N PRO B 408 38.94 14.63 3.89
CA PRO B 408 38.85 15.97 3.27
C PRO B 408 37.93 16.04 2.03
N GLN B 409 37.93 15.00 1.19
CA GLN B 409 37.08 14.97 0.00
C GLN B 409 35.60 14.91 0.37
N VAL B 410 35.28 14.08 1.37
CA VAL B 410 33.91 13.99 1.91
C VAL B 410 33.44 15.35 2.47
N ALA B 411 34.26 15.96 3.32
CA ALA B 411 33.97 17.28 3.88
C ALA B 411 33.68 18.34 2.80
N THR B 412 34.43 18.27 1.71
CA THR B 412 34.21 19.15 0.55
C THR B 412 32.87 18.85 -0.13
N GLN B 413 32.59 17.57 -0.34
CA GLN B 413 31.37 17.17 -1.02
C GLN B 413 30.11 17.41 -0.18
N VAL B 414 30.23 17.24 1.14
CA VAL B 414 29.10 17.48 2.04
C VAL B 414 28.79 18.97 2.11
N ARG B 415 29.83 19.80 2.22
CA ARG B 415 29.64 21.24 2.26
C ARG B 415 29.02 21.73 0.96
N GLN B 416 29.50 21.17 -0.16
CA GLN B 416 28.95 21.52 -1.48
C GLN B 416 27.47 21.13 -1.57
N ALA B 417 27.14 19.93 -1.09
CA ALA B 417 25.74 19.46 -1.05
C ALA B 417 24.85 20.41 -0.24
N LEU B 418 25.36 20.87 0.90
CA LEU B 418 24.63 21.83 1.74
C LEU B 418 24.42 23.17 1.06
N ALA B 419 25.44 23.63 0.32
CA ALA B 419 25.33 24.88 -0.44
C ALA B 419 24.32 24.73 -1.57
N ASP B 420 24.38 23.60 -2.27
CA ASP B 420 23.43 23.28 -3.35
C ASP B 420 22.00 23.16 -2.82
N ALA B 421 21.84 22.47 -1.69
CA ALA B 421 20.54 22.37 -1.03
C ALA B 421 19.99 23.74 -0.62
N ALA B 422 20.84 24.56 -0.01
CA ALA B 422 20.42 25.89 0.46
C ALA B 422 19.95 26.78 -0.70
N ALA B 423 20.73 26.81 -1.78
CA ALA B 423 20.39 27.55 -2.99
C ALA B 423 18.99 27.17 -3.50
N GLU B 424 18.73 25.86 -3.59
CA GLU B 424 17.43 25.36 -4.05
C GLU B 424 16.27 25.76 -3.15
N VAL B 425 16.47 25.66 -1.83
CA VAL B 425 15.45 26.04 -0.86
C VAL B 425 15.16 27.53 -0.94
N GLU B 426 16.21 28.31 -1.19
CA GLU B 426 16.08 29.76 -1.22
C GLU B 426 15.52 30.27 -2.56
N LYS B 427 15.70 29.52 -3.63
CA LYS B 427 15.05 29.81 -4.91
C LYS B 427 13.52 29.75 -4.79
N SER B 428 13.00 28.68 -4.19
CA SER B 428 11.56 28.53 -3.99
C SER B 428 11.04 29.67 -3.12
N GLY B 429 9.78 30.03 -3.31
CA GLY B 429 9.22 31.23 -2.69
C GLY B 429 8.69 31.05 -1.29
N ILE B 430 9.48 30.43 -0.41
CA ILE B 430 9.10 30.22 0.99
C ILE B 430 9.17 31.53 1.78
N PRO B 431 8.00 32.02 2.26
CA PRO B 431 7.94 33.23 3.08
C PRO B 431 8.83 33.13 4.32
N ASP B 432 9.31 34.28 4.80
CA ASP B 432 10.18 34.34 5.98
C ASP B 432 9.42 33.93 7.24
N GLY B 433 10.01 33.01 8.00
CA GLY B 433 9.41 32.51 9.24
C GLY B 433 8.36 31.43 9.04
N ALA B 434 8.13 31.03 7.79
CA ALA B 434 7.14 30.00 7.45
C ALA B 434 7.50 28.62 8.02
N ARG B 435 6.46 27.88 8.40
CA ARG B 435 6.62 26.61 9.08
C ARG B 435 6.21 25.45 8.16
N TRP B 436 6.51 24.22 8.58
CA TRP B 436 6.22 23.05 7.75
C TRP B 436 4.72 22.94 7.38
N GLY B 437 3.87 23.23 8.36
CA GLY B 437 2.41 23.23 8.19
C GLY B 437 1.90 24.28 7.21
N ASP B 438 2.67 25.34 7.00
CA ASP B 438 2.34 26.37 6.01
C ASP B 438 2.54 25.85 4.59
N LEU B 439 3.37 24.84 4.44
CA LEU B 439 3.73 24.30 3.12
C LEU B 439 2.95 23.04 2.75
N GLN B 440 2.94 22.07 3.66
CA GLN B 440 2.28 20.78 3.42
C GLN B 440 0.80 20.79 3.82
N VAL B 441 -0.06 20.61 2.83
CA VAL B 441 -1.50 20.71 3.04
C VAL B 441 -2.25 19.61 2.29
N SER B 442 -3.51 19.42 2.70
CA SER B 442 -4.48 18.69 1.91
C SER B 442 -5.59 19.64 1.50
N THR B 443 -5.85 19.72 0.19
CA THR B 443 -6.88 20.60 -0.34
C THR B 443 -8.26 19.97 -0.12
N ARG B 444 -9.19 20.77 0.40
CA ARG B 444 -10.57 20.37 0.59
C ARG B 444 -11.45 21.47 0.00
N GLY B 445 -11.96 21.23 -1.20
CA GLY B 445 -12.71 22.25 -1.93
C GLY B 445 -11.79 23.39 -2.29
N GLN B 446 -12.17 24.62 -1.88
CA GLN B 446 -11.35 25.80 -2.13
C GLN B 446 -10.48 26.11 -0.90
N GLU B 447 -10.55 25.25 0.11
CA GLU B 447 -9.79 25.42 1.35
C GLU B 447 -8.56 24.49 1.39
N ARG B 448 -7.72 24.70 2.40
CA ARG B 448 -6.53 23.88 2.66
C ARG B 448 -6.47 23.55 4.15
N ILE B 449 -5.94 22.38 4.46
CA ILE B 449 -5.71 21.96 5.84
C ILE B 449 -4.26 21.53 5.98
N ALA B 450 -3.56 22.14 6.94
CA ALA B 450 -2.16 21.80 7.24
C ALA B 450 -2.03 20.36 7.72
N ILE B 451 -1.07 19.63 7.17
CA ILE B 451 -0.92 18.19 7.50
C ILE B 451 0.46 17.90 8.10
N PRO B 452 0.51 17.36 9.33
CA PRO B 452 1.79 17.02 9.92
C PRO B 452 2.31 15.68 9.39
N GLY B 453 3.60 15.44 9.56
CA GLY B 453 4.25 14.26 9.01
C GLY B 453 5.14 14.60 7.84
N GLY B 454 5.98 13.63 7.46
CA GLY B 454 6.96 13.84 6.40
C GLY B 454 7.29 12.52 5.74
N ASP B 455 8.11 12.57 4.70
CA ASP B 455 8.38 11.39 3.91
C ASP B 455 9.01 10.27 4.75
N GLY B 456 8.48 9.06 4.60
CA GLY B 456 8.99 7.88 5.31
C GLY B 456 10.46 7.63 5.07
N HIS B 457 10.96 8.04 3.91
CA HIS B 457 12.38 7.93 3.61
C HIS B 457 13.28 8.79 4.51
N PHE B 458 12.70 9.79 5.19
CA PHE B 458 13.45 10.54 6.21
C PHE B 458 13.25 10.00 7.64
N GLY B 459 12.68 8.80 7.74
CA GLY B 459 12.44 8.17 9.04
C GLY B 459 11.35 8.81 9.88
N VAL B 460 10.37 9.43 9.23
CA VAL B 460 9.23 9.96 9.96
C VAL B 460 8.23 8.82 10.00
N TYR B 461 7.97 8.32 11.21
CA TYR B 461 7.07 7.19 11.39
C TYR B 461 5.70 7.54 10.80
N ASN B 462 5.20 8.73 11.16
CA ASN B 462 4.04 9.32 10.49
C ASN B 462 4.40 9.76 9.06
N ALA B 463 4.46 8.78 8.17
CA ALA B 463 4.91 9.03 6.81
C ALA B 463 3.83 9.72 5.97
N ILE B 464 4.22 10.80 5.31
CA ILE B 464 3.33 11.56 4.44
C ILE B 464 4.10 11.87 3.18
N GLN B 465 3.54 11.48 2.04
CA GLN B 465 4.13 11.77 0.76
C GLN B 465 3.31 12.89 0.11
N SER B 466 4.00 13.94 -0.35
N SER B 466 4.01 13.92 -0.36
CA SER B 466 3.50 15.07 -0.92
CA SER B 466 3.35 15.04 -0.99
C SER B 466 4.12 15.75 -2.14
C SER B 466 4.07 15.42 -2.29
N VAL B 467 3.35 16.11 -3.16
CA VAL B 467 3.92 16.63 -4.42
C VAL B 467 3.69 18.13 -4.55
N ARG B 468 4.59 18.81 -5.26
CA ARG B 468 4.44 20.25 -5.51
C ARG B 468 3.20 20.52 -6.37
N LYS B 469 2.31 21.38 -5.86
CA LYS B 469 1.18 21.92 -6.62
C LYS B 469 1.13 23.41 -6.34
N GLY B 470 1.26 24.22 -7.39
CA GLY B 470 1.34 25.68 -7.22
C GLY B 470 2.30 26.07 -6.12
N ASP B 471 1.76 26.69 -5.07
CA ASP B 471 2.57 27.23 -3.97
C ASP B 471 2.73 26.30 -2.75
N HIS B 472 2.32 25.05 -2.89
CA HIS B 472 2.27 24.16 -1.72
C HIS B 472 2.72 22.73 -2.05
N LEU B 473 2.92 21.92 -1.01
CA LEU B 473 3.06 20.48 -1.18
C LEU B 473 1.69 19.83 -0.89
N GLU B 474 1.11 19.18 -1.90
CA GLU B 474 -0.19 18.53 -1.75
C GLU B 474 0.01 17.07 -1.33
N VAL B 475 -0.56 16.71 -0.18
CA VAL B 475 -0.48 15.32 0.30
C VAL B 475 -1.17 14.37 -0.69
N VAL B 476 -0.46 13.30 -1.08
CA VAL B 476 -1.03 12.27 -1.96
C VAL B 476 -1.09 10.89 -1.32
N GLY B 477 -0.35 10.66 -0.24
CA GLY B 477 -0.36 9.35 0.39
C GLY B 477 0.34 9.33 1.72
N GLY B 478 0.19 8.20 2.43
CA GLY B 478 0.86 7.96 3.69
C GLY B 478 -0.13 7.53 4.77
N THR B 479 0.12 7.99 5.98
CA THR B 479 -0.81 7.73 7.09
C THR B 479 -2.26 7.90 6.62
N SER B 480 -3.06 6.88 6.90
CA SER B 480 -4.36 6.77 6.30
C SER B 480 -5.37 6.32 7.35
N TYR B 481 -5.60 5.02 7.44
CA TYR B 481 -6.36 4.46 8.55
C TYR B 481 -5.43 4.19 9.73
N ILE B 482 -5.72 4.81 10.87
CA ILE B 482 -4.96 4.56 12.10
C ILE B 482 -5.85 3.79 13.07
N GLN B 483 -5.36 2.65 13.56
CA GLN B 483 -6.01 2.01 14.69
C GLN B 483 -5.01 1.53 15.72
N LEU B 484 -5.33 1.81 16.97
CA LEU B 484 -4.55 1.40 18.11
C LEU B 484 -5.52 0.64 19.02
N VAL B 485 -5.26 -0.65 19.18
CA VAL B 485 -6.22 -1.53 19.86
C VAL B 485 -5.60 -2.18 21.11
N THR B 486 -6.32 -2.06 22.23
CA THR B 486 -6.01 -2.82 23.44
C THR B 486 -7.24 -3.63 23.82
N PHE B 487 -7.09 -4.52 24.81
CA PHE B 487 -8.17 -5.43 25.18
C PHE B 487 -8.48 -5.40 26.69
N PRO B 488 -9.11 -4.32 27.18
CA PRO B 488 -9.55 -4.34 28.57
C PRO B 488 -10.78 -5.21 28.73
N GLU B 489 -11.17 -5.50 29.97
CA GLU B 489 -12.15 -6.54 30.26
C GLU B 489 -13.50 -6.38 29.54
N GLU B 490 -14.01 -5.15 29.47
CA GLU B 490 -15.33 -4.86 28.88
C GLU B 490 -15.44 -5.22 27.39
N GLY B 491 -14.36 -5.01 26.64
CA GLY B 491 -14.36 -5.26 25.20
C GLY B 491 -13.21 -4.50 24.56
N PRO B 492 -12.96 -4.75 23.26
CA PRO B 492 -11.81 -4.10 22.64
C PRO B 492 -11.89 -2.58 22.68
N LYS B 493 -10.80 -1.95 23.10
CA LYS B 493 -10.71 -0.50 23.13
C LYS B 493 -9.85 -0.07 21.94
N ALA B 494 -10.50 0.59 20.99
CA ALA B 494 -9.84 0.99 19.76
C ALA B 494 -9.87 2.51 19.61
N ARG B 495 -8.72 3.04 19.21
CA ARG B 495 -8.50 4.48 19.11
C ARG B 495 -7.80 4.78 17.79
N GLY B 496 -8.18 5.87 17.14
CA GLY B 496 -7.60 6.21 15.84
C GLY B 496 -8.36 7.26 15.06
N LEU B 497 -8.17 7.20 13.74
CA LEU B 497 -8.72 8.15 12.79
C LEU B 497 -8.57 7.59 11.39
N LEU B 498 -9.37 8.12 10.48
CA LEU B 498 -9.08 8.00 9.08
C LEU B 498 -8.62 9.40 8.61
N ALA B 499 -7.33 9.52 8.30
CA ALA B 499 -6.68 10.81 8.04
C ALA B 499 -7.42 11.72 7.08
N PHE B 500 -7.80 11.17 5.93
CA PHE B 500 -8.45 11.92 4.84
C PHE B 500 -9.99 11.90 4.92
N SER B 501 -10.55 11.35 6.00
CA SER B 501 -12.01 11.30 6.23
C SER B 501 -12.73 10.26 5.38
N GLN B 502 -13.96 9.93 5.78
CA GLN B 502 -14.73 8.85 5.14
C GLN B 502 -15.05 9.09 3.68
N SER B 503 -15.38 10.33 3.32
CA SER B 503 -15.87 10.62 1.98
C SER B 503 -14.88 11.39 1.11
N SER B 504 -14.77 10.95 -0.14
CA SER B 504 -13.99 11.63 -1.15
C SER B 504 -14.83 12.71 -1.86
N ASP B 505 -16.12 12.78 -1.56
CA ASP B 505 -17.00 13.75 -2.21
C ASP B 505 -17.06 15.05 -1.40
N PRO B 506 -16.72 16.19 -2.05
CA PRO B 506 -16.68 17.49 -1.36
C PRO B 506 -18.02 17.92 -0.74
N ARG B 507 -19.11 17.39 -1.26
CA ARG B 507 -20.43 17.70 -0.71
C ARG B 507 -20.73 16.99 0.62
N SER B 508 -19.95 15.96 0.95
CA SER B 508 -20.25 15.16 2.12
C SER B 508 -19.93 15.88 3.44
N PRO B 509 -20.76 15.64 4.47
CA PRO B 509 -20.42 16.07 5.84
C PRO B 509 -19.14 15.41 6.35
N HIS B 510 -18.69 14.37 5.67
CA HIS B 510 -17.55 13.57 6.14
C HIS B 510 -16.38 13.60 5.16
N TYR B 511 -16.23 14.79 4.56
CA TYR B 511 -15.21 15.05 3.58
C TYR B 511 -13.92 15.53 4.22
N ARG B 512 -14.01 16.16 5.39
CA ARG B 512 -12.85 16.76 6.03
C ARG B 512 -12.89 16.76 7.56
N ASP B 513 -13.94 16.19 8.15
CA ASP B 513 -14.08 16.24 9.60
C ASP B 513 -12.95 15.54 10.35
N GLN B 514 -12.53 14.37 9.86
CA GLN B 514 -11.40 13.66 10.46
C GLN B 514 -10.05 14.28 10.02
N THR B 515 -10.06 14.98 8.89
CA THR B 515 -8.85 15.65 8.40
C THR B 515 -8.49 16.85 9.27
N GLU B 516 -9.51 17.56 9.73
CA GLU B 516 -9.32 18.61 10.73
C GLU B 516 -8.68 18.02 11.99
N LEU B 517 -9.15 16.84 12.40
CA LEU B 517 -8.65 16.18 13.61
C LEU B 517 -7.24 15.62 13.43
N PHE B 518 -6.97 15.12 12.23
CA PHE B 518 -5.64 14.62 11.90
C PHE B 518 -4.61 15.75 11.95
N SER B 519 -5.00 16.91 11.41
CA SER B 519 -4.17 18.12 11.48
C SER B 519 -3.74 18.41 12.93
N ARG B 520 -4.70 18.37 13.84
CA ARG B 520 -4.45 18.63 15.26
C ARG B 520 -4.00 17.37 15.99
N GLN B 521 -3.89 16.25 15.28
CA GLN B 521 -3.47 14.96 15.83
C GLN B 521 -4.34 14.54 17.02
N GLN B 522 -5.65 14.66 16.86
CA GLN B 522 -6.58 14.30 17.93
C GLN B 522 -7.32 13.01 17.57
N TRP B 523 -6.76 11.88 18.00
CA TRP B 523 -7.32 10.55 17.70
C TRP B 523 -8.59 10.35 18.51
N GLN B 524 -9.47 9.49 18.01
CA GLN B 524 -10.80 9.33 18.56
C GLN B 524 -11.11 7.88 18.86
N THR B 525 -12.16 7.66 19.65
CA THR B 525 -12.68 6.32 19.89
C THR B 525 -13.20 5.74 18.59
N LEU B 526 -12.88 4.46 18.35
CA LEU B 526 -13.50 3.68 17.30
C LEU B 526 -14.55 2.81 18.02
N PRO B 527 -15.84 3.22 17.98
CA PRO B 527 -16.84 2.50 18.82
C PRO B 527 -17.22 1.15 18.22
N PHE B 528 -17.21 0.11 19.04
CA PHE B 528 -17.39 -1.26 18.56
C PHE B 528 -18.57 -1.98 19.24
N SER B 529 -18.70 -1.82 20.56
CA SER B 529 -19.78 -2.50 21.29
C SER B 529 -21.09 -1.74 21.09
N ASP B 530 -22.21 -2.43 21.28
CA ASP B 530 -23.51 -1.76 21.23
C ASP B 530 -23.57 -0.60 22.22
N ARG B 531 -23.00 -0.81 23.42
CA ARG B 531 -22.89 0.26 24.43
C ARG B 531 -22.13 1.48 23.89
N GLN B 532 -20.93 1.28 23.33
CA GLN B 532 -20.16 2.40 22.74
C GLN B 532 -20.95 3.12 21.64
N ILE B 533 -21.53 2.34 20.73
CA ILE B 533 -22.29 2.87 19.59
C ILE B 533 -23.48 3.70 20.07
N ASP B 534 -24.18 3.19 21.10
CA ASP B 534 -25.35 3.88 21.64
C ASP B 534 -25.07 5.16 22.43
N ALA B 535 -23.91 5.23 23.06
CA ALA B 535 -23.47 6.43 23.76
C ALA B 535 -23.22 7.62 22.81
N ASP B 536 -23.08 7.36 21.51
CA ASP B 536 -22.66 8.40 20.55
C ASP B 536 -23.76 9.41 20.23
N PRO B 537 -23.56 10.68 20.66
CA PRO B 537 -24.59 11.69 20.45
C PRO B 537 -24.92 11.93 18.96
N GLN B 538 -24.06 11.49 18.07
CA GLN B 538 -24.29 11.63 16.63
C GLN B 538 -24.96 10.41 15.97
N LEU B 539 -25.36 9.43 16.78
CA LEU B 539 -25.89 8.17 16.26
C LEU B 539 -27.05 8.38 15.29
N GLN B 540 -26.97 7.74 14.12
CA GLN B 540 -28.07 7.72 13.18
C GLN B 540 -28.32 6.30 12.70
N ARG B 541 -29.56 5.99 12.35
CA ARG B 541 -29.93 4.63 11.98
C ARG B 541 -30.88 4.61 10.79
N LEU B 542 -30.63 3.67 9.89
CA LEU B 542 -31.50 3.44 8.75
C LEU B 542 -31.56 1.95 8.46
N SER B 543 -32.75 1.44 8.19
CA SER B 543 -32.91 0.03 7.82
C SER B 543 -33.42 0.00 6.39
N ILE B 544 -32.84 -0.86 5.57
CA ILE B 544 -33.17 -0.90 4.14
C ILE B 544 -33.39 -2.33 3.68
N ARG B 545 -34.26 -2.51 2.69
CA ARG B 545 -34.50 -3.81 2.08
C ARG B 545 -35.02 -3.67 0.66
N GLU B 546 -34.86 -4.74 -0.12
CA GLU B 546 -35.51 -4.85 -1.42
C GLU B 546 -35.65 -6.33 -1.79
C1 EDO C . -29.48 -8.29 11.69
O1 EDO C . -29.70 -8.89 12.97
C2 EDO C . -30.53 -7.23 11.43
O2 EDO C . -31.82 -7.84 11.59
C1 EDO D . -19.09 2.95 -13.54
O1 EDO D . -19.45 3.22 -14.90
C2 EDO D . -20.32 2.36 -12.84
O2 EDO D . -20.86 3.33 -11.91
C1 EDO E . -16.27 -3.77 -21.69
O1 EDO E . -15.83 -2.47 -22.10
C2 EDO E . -15.81 -4.01 -20.26
O2 EDO E . -14.38 -4.15 -20.27
C1 EDO F . 1.75 6.71 -18.65
O1 EDO F . 0.79 5.67 -18.39
C2 EDO F . 2.40 7.18 -17.36
O2 EDO F . 3.23 6.14 -16.84
C1 EDO G . 8.86 -1.92 -31.94
O1 EDO G . 7.80 -0.97 -31.80
C2 EDO G . 9.48 -1.75 -33.31
O2 EDO G . 10.10 -0.46 -33.39
C1 EDO H . -3.97 1.25 -7.65
O1 EDO H . -2.56 1.40 -7.79
C2 EDO H . -4.46 0.24 -8.67
O2 EDO H . -4.41 0.89 -9.94
C1 EDO I . 2.10 -1.46 -4.32
O1 EDO I . 1.17 -2.15 -3.47
C2 EDO I . 3.27 -2.43 -4.47
O2 EDO I . 2.84 -3.62 -3.80
C1 EDO J . -22.44 -11.26 17.89
O1 EDO J . -21.34 -11.95 17.29
C2 EDO J . -22.04 -9.81 18.13
O2 EDO J . -23.16 -8.96 17.83
C1 EDO K . -15.65 -13.64 15.16
O1 EDO K . -17.04 -13.41 15.42
C2 EDO K . -15.05 -12.35 14.61
O2 EDO K . -15.85 -11.91 13.52
C1 EDO L . 16.47 -15.37 -7.72
O1 EDO L . 16.54 -14.30 -6.78
C2 EDO L . 15.20 -15.24 -8.54
O2 EDO L . 15.02 -13.87 -8.98
C1 EDO M . -6.46 3.55 23.85
O1 EDO M . -5.23 4.22 23.52
C2 EDO M . -6.77 2.48 22.81
O2 EDO M . -6.07 1.28 23.14
C1 EDO N . 10.66 25.35 16.31
O1 EDO N . 9.38 24.69 16.24
C2 EDO N . 11.75 24.41 15.82
O2 EDO N . 11.48 23.97 14.48
C1 EDO O . 0.54 25.93 10.09
O1 EDO O . -0.71 25.54 10.66
C2 EDO O . 1.13 27.09 10.89
O2 EDO O . 2.24 26.63 11.66
C1 EDO P . 25.13 7.98 1.64
O1 EDO P . 25.07 8.43 0.29
C2 EDO P . 26.42 8.48 2.28
O2 EDO P . 27.55 7.99 1.54
C1 EDO Q . 8.12 25.78 4.56
O1 EDO Q . 7.10 26.67 5.08
C2 EDO Q . 9.38 25.91 5.40
O2 EDO Q . 9.09 25.73 6.79
C1 EDO R . -15.38 -0.50 25.84
O1 EDO R . -15.77 -1.86 25.61
C2 EDO R . -13.88 -0.31 25.59
O2 EDO R . -13.15 -1.31 26.30
C1 EDO S . -10.34 9.71 -3.81
O1 EDO S . -10.47 9.88 -5.23
C2 EDO S . -10.64 11.02 -3.10
O2 EDO S . -9.41 11.60 -2.66
C4 28N T . -4.26 -6.22 -1.21
C5 28N T . -5.44 -6.85 -1.57
C7 28N T . -6.63 -7.53 -3.52
C8 28N T . -7.78 -7.72 -2.57
C15 28N T . -6.56 -5.83 0.23
O12 28N T . -9.08 -7.38 0.61
C11 28N T . -8.82 -7.63 -0.61
O10 28N T . -9.66 -8.25 -1.49
N9 28N T . -8.99 -8.33 -2.77
N13 28N T . -7.72 -7.33 -1.29
O6 28N T . -5.47 -7.66 -2.68
C14 28N T . -6.62 -6.70 -0.86
C2 28N T . -5.39 -5.19 0.61
BR1 28N T . -5.39 -4.03 2.10
C3 28N T . -4.22 -5.37 -0.11
C1 EDO U . -27.41 -14.41 17.99
O1 EDO U . -26.66 -14.01 19.14
C2 EDO U . -28.75 -13.70 18.07
O2 EDO U . -28.48 -12.30 18.16
#